data_4Q9Z
#
_entry.id   4Q9Z
#
_cell.length_a   76.954
_cell.length_b   78.575
_cell.length_c   146.966
_cell.angle_alpha   90.00
_cell.angle_beta   90.00
_cell.angle_gamma   90.00
#
_symmetry.space_group_name_H-M   'P 21 21 21'
#
loop_
_entity.id
_entity.type
_entity.pdbx_description
1 polymer 'HUMAN PROTEIN KINASE C THETA'
2 non-polymer (1R)-9-(azetidin-3-ylamino)-1,8-dimethyl-3,5-dihydro[1,2,4]triazino[3,4-c][1,4]benzoxazin-2(1H)-one
3 non-polymer 'SODIUM ION'
4 water water
#
_entity_poly.entity_id   1
_entity_poly.type   'polypeptide(L)'
_entity_poly.pdbx_seq_one_letter_code
;KLKIEDFELHKMLGKGSFGKVFLAEFKKTNQFFAIKALKKDVVLMDDDVECTMVEKRVLSLAWEHPFLTHMFCTFQTKEN
LFFVMEYLNGGDLMYHIQSCHKFDLSRATFYAAEIILGLQFLHSKGIVYRDLKLDNILLDKDGHIKIADFGMCKENMLGD
AKTNEFCGTPDYIAPEILLGQKYNHSVDWWSFGVLLYEMLIGQSPFHGQDEEELFHSIRMDNPFYPRWLEKEAKDLLVKL
FVREPEKRLGVRGDIRQHPLFREINWEELERKEIDPPFRPKVKSPFDCSNFDKEFLNEKPRL(SEP)FADRALINSMDQN
MFRNF(SEP)FMNPGMERLISH
;
_entity_poly.pdbx_strand_id   A,B
#
# COMPACT_ATOMS: atom_id res chain seq x y z
N LEU A 2 19.86 -20.97 -13.66
CA LEU A 2 19.18 -21.24 -12.35
C LEU A 2 17.73 -20.74 -12.37
N LYS A 3 16.84 -21.52 -11.75
CA LYS A 3 15.42 -21.19 -11.65
C LYS A 3 14.87 -21.52 -10.26
N ILE A 4 13.69 -20.98 -9.95
CA ILE A 4 13.04 -21.20 -8.64
C ILE A 4 12.62 -22.66 -8.42
N GLU A 5 12.39 -23.40 -9.51
CA GLU A 5 12.09 -24.83 -9.46
C GLU A 5 13.22 -25.69 -8.88
N ASP A 6 14.46 -25.17 -8.95
CA ASP A 6 15.63 -25.82 -8.31
C ASP A 6 15.60 -25.72 -6.78
N PHE A 7 14.81 -24.79 -6.23
CA PHE A 7 14.58 -24.71 -4.79
C PHE A 7 13.25 -25.37 -4.42
N GLU A 8 13.18 -25.88 -3.19
CA GLU A 8 11.95 -26.38 -2.59
C GLU A 8 11.52 -25.37 -1.53
N LEU A 9 10.40 -24.69 -1.78
CA LEU A 9 9.88 -23.67 -0.87
C LEU A 9 9.08 -24.35 0.24
N HIS A 10 9.68 -24.46 1.43
CA HIS A 10 9.10 -25.19 2.55
C HIS A 10 8.01 -24.38 3.26
N LYS A 11 8.34 -23.17 3.67
CA LYS A 11 7.42 -22.27 4.37
C LYS A 11 7.60 -20.82 3.94
N MET A 12 6.55 -20.01 4.15
CA MET A 12 6.60 -18.57 3.97
C MET A 12 6.85 -17.92 5.32
N LEU A 13 7.92 -17.15 5.42
CA LEU A 13 8.33 -16.48 6.66
C LEU A 13 7.65 -15.12 6.82
N GLY A 14 7.33 -14.48 5.70
CA GLY A 14 6.61 -13.21 5.70
C GLY A 14 6.16 -12.74 4.34
N LYS A 15 5.12 -11.90 4.31
CA LYS A 15 4.70 -11.17 3.11
C LYS A 15 4.43 -9.69 3.44
N GLY A 16 4.27 -8.88 2.40
CA GLY A 16 3.98 -7.45 2.54
C GLY A 16 4.47 -6.62 1.37
N SER A 17 4.73 -5.34 1.61
CA SER A 17 5.24 -4.41 0.59
C SER A 17 6.60 -4.83 0.02
N PHE A 18 7.42 -5.43 0.88
CA PHE A 18 8.72 -6.00 0.49
C PHE A 18 8.67 -7.29 -0.35
N GLY A 19 7.47 -7.85 -0.56
CA GLY A 19 7.28 -9.04 -1.40
C GLY A 19 6.86 -10.25 -0.58
N LYS A 20 7.40 -11.42 -0.91
CA LYS A 20 7.21 -12.65 -0.12
C LYS A 20 8.58 -13.26 0.19
N VAL A 21 8.82 -13.59 1.46
CA VAL A 21 10.06 -14.25 1.90
C VAL A 21 9.78 -15.72 2.21
N PHE A 22 10.49 -16.62 1.53
CA PHE A 22 10.30 -18.07 1.68
C PHE A 22 11.55 -18.72 2.29
N LEU A 23 11.34 -19.72 3.14
CA LEU A 23 12.44 -20.60 3.60
C LEU A 23 12.64 -21.68 2.52
N ALA A 24 13.71 -21.53 1.75
CA ALA A 24 13.97 -22.36 0.58
C ALA A 24 15.16 -23.28 0.81
N GLU A 25 15.06 -24.52 0.30
CA GLU A 25 16.16 -25.48 0.30
C GLU A 25 16.52 -25.73 -1.15
N PHE A 26 17.82 -25.62 -1.48
CA PHE A 26 18.30 -25.88 -2.84
C PHE A 26 18.33 -27.40 -3.10
N LYS A 27 17.45 -27.86 -3.99
CA LYS A 27 17.32 -29.28 -4.36
C LYS A 27 17.05 -30.14 -3.10
N LYS A 28 17.92 -31.12 -2.80
CA LYS A 28 17.86 -31.85 -1.53
C LYS A 28 19.28 -31.94 -0.94
N THR A 29 19.96 -30.79 -0.90
CA THR A 29 21.35 -30.70 -0.43
C THR A 29 21.47 -30.32 1.06
N ASN A 30 20.34 -30.18 1.75
CA ASN A 30 20.30 -29.70 3.14
C ASN A 30 20.96 -28.32 3.32
N GLN A 31 20.85 -27.49 2.28
CA GLN A 31 21.44 -26.16 2.24
C GLN A 31 20.27 -25.18 2.13
N PHE A 32 19.97 -24.48 3.22
CA PHE A 32 18.79 -23.62 3.31
C PHE A 32 19.11 -22.16 3.02
N PHE A 33 18.11 -21.43 2.51
CA PHE A 33 18.22 -20.03 2.13
C PHE A 33 16.91 -19.30 2.38
N ALA A 34 16.99 -17.99 2.57
CA ALA A 34 15.81 -17.13 2.58
C ALA A 34 15.71 -16.49 1.21
N ILE A 35 14.64 -16.77 0.47
CA ILE A 35 14.41 -16.18 -0.85
C ILE A 35 13.34 -15.10 -0.78
N LYS A 36 13.73 -13.84 -0.98
CA LYS A 36 12.78 -12.76 -1.18
C LYS A 36 12.33 -12.79 -2.63
N ALA A 37 11.03 -13.04 -2.85
CA ALA A 37 10.45 -13.17 -4.19
C ALA A 37 9.53 -11.99 -4.46
N LEU A 38 9.87 -11.20 -5.47
CA LEU A 38 9.06 -10.06 -5.92
C LEU A 38 8.40 -10.36 -7.26
N LYS A 39 7.33 -9.63 -7.56
CA LYS A 39 6.59 -9.75 -8.81
C LYS A 39 6.84 -8.47 -9.59
N LYS A 40 7.27 -8.60 -10.84
CA LYS A 40 7.72 -7.46 -11.64
C LYS A 40 6.63 -6.40 -11.87
N ASP A 41 5.39 -6.85 -12.08
CA ASP A 41 4.25 -5.94 -12.27
C ASP A 41 3.90 -5.14 -11.01
N VAL A 42 4.05 -5.76 -9.84
CA VAL A 42 3.87 -5.05 -8.55
C VAL A 42 4.96 -4.00 -8.37
N VAL A 43 6.20 -4.37 -8.68
CA VAL A 43 7.35 -3.46 -8.63
C VAL A 43 7.17 -2.23 -9.54
N LEU A 44 6.60 -2.44 -10.72
CA LEU A 44 6.36 -1.36 -11.69
C LEU A 44 5.30 -0.35 -11.25
N MET A 45 4.16 -0.86 -10.78
N MET A 45 4.15 -0.85 -10.78
CA MET A 45 3.04 -0.03 -10.30
CA MET A 45 3.05 0.03 -10.32
C MET A 45 3.38 0.71 -9.00
C MET A 45 3.36 0.72 -8.99
N ASP A 46 4.15 0.06 -8.13
CA ASP A 46 4.66 0.69 -6.88
C ASP A 46 5.81 1.69 -7.13
N ASP A 47 6.37 1.73 -8.34
CA ASP A 47 7.48 2.61 -8.72
C ASP A 47 8.77 2.23 -7.96
N ASP A 48 8.99 0.93 -7.79
CA ASP A 48 10.12 0.38 -7.05
C ASP A 48 11.21 -0.21 -7.96
N VAL A 49 11.20 0.16 -9.24
CA VAL A 49 12.19 -0.35 -10.20
C VAL A 49 13.60 0.02 -9.75
N GLU A 50 13.85 1.32 -9.60
CA GLU A 50 15.16 1.80 -9.15
C GLU A 50 15.52 1.30 -7.75
N CYS A 51 14.53 1.23 -6.84
CA CYS A 51 14.75 0.69 -5.49
C CYS A 51 15.23 -0.77 -5.49
N THR A 52 14.71 -1.57 -6.41
CA THR A 52 15.12 -2.97 -6.56
C THR A 52 16.56 -3.09 -7.01
N MET A 53 16.94 -2.28 -8.01
CA MET A 53 18.32 -2.24 -8.51
C MET A 53 19.31 -1.74 -7.49
N VAL A 54 18.90 -0.74 -6.69
CA VAL A 54 19.71 -0.24 -5.57
C VAL A 54 19.95 -1.36 -4.54
N GLU A 55 18.94 -2.18 -4.28
CA GLU A 55 19.08 -3.29 -3.34
C GLU A 55 20.09 -4.34 -3.81
N LYS A 56 20.06 -4.67 -5.11
CA LYS A 56 21.02 -5.59 -5.72
C LYS A 56 22.45 -5.08 -5.56
N ARG A 57 22.66 -3.82 -5.96
CA ARG A 57 23.98 -3.17 -5.91
C ARG A 57 24.57 -3.09 -4.50
N VAL A 58 23.75 -2.69 -3.53
CA VAL A 58 24.18 -2.57 -2.13
C VAL A 58 24.50 -3.93 -1.50
N LEU A 59 23.67 -4.92 -1.78
CA LEU A 59 23.94 -6.31 -1.36
C LEU A 59 25.19 -6.91 -2.02
N SER A 60 25.56 -6.43 -3.20
CA SER A 60 26.84 -6.79 -3.84
C SER A 60 28.05 -6.22 -3.09
N LEU A 61 27.91 -5.07 -2.44
CA LEU A 61 28.94 -4.51 -1.55
C LEU A 61 28.94 -5.18 -0.18
N ALA A 62 27.75 -5.59 0.28
CA ALA A 62 27.53 -5.96 1.69
C ALA A 62 27.95 -7.38 2.10
N TRP A 63 28.39 -8.22 1.16
CA TRP A 63 28.75 -9.61 1.49
C TRP A 63 30.00 -9.74 2.37
N GLU A 64 30.85 -8.71 2.37
CA GLU A 64 32.02 -8.66 3.24
C GLU A 64 31.61 -8.51 4.69
N HIS A 65 30.81 -7.48 4.97
CA HIS A 65 30.62 -6.96 6.33
C HIS A 65 29.81 -7.91 7.22
N PRO A 66 30.31 -8.24 8.43
CA PRO A 66 29.61 -9.20 9.30
C PRO A 66 28.19 -8.83 9.77
N PHE A 67 27.85 -7.54 9.77
CA PHE A 67 26.54 -7.07 10.27
C PHE A 67 25.56 -6.52 9.19
N LEU A 68 25.81 -6.84 7.92
CA LEU A 68 24.84 -6.62 6.85
C LEU A 68 24.42 -8.00 6.30
N THR A 69 23.16 -8.10 5.84
CA THR A 69 22.64 -9.36 5.29
C THR A 69 23.40 -9.75 4.04
N HIS A 70 23.81 -11.02 3.95
CA HIS A 70 24.55 -11.55 2.80
C HIS A 70 23.63 -12.06 1.70
N MET A 71 23.92 -11.66 0.47
CA MET A 71 23.20 -12.13 -0.71
C MET A 71 24.09 -13.09 -1.49
N PHE A 72 23.59 -14.32 -1.68
CA PHE A 72 24.33 -15.36 -2.40
C PHE A 72 24.18 -15.23 -3.91
N CYS A 73 22.94 -15.01 -4.37
CA CYS A 73 22.68 -14.76 -5.79
C CYS A 73 21.34 -14.07 -6.03
N THR A 74 21.22 -13.44 -7.20
CA THR A 74 19.95 -12.90 -7.68
C THR A 74 19.71 -13.33 -9.12
N PHE A 75 18.44 -13.51 -9.48
CA PHE A 75 18.05 -13.90 -10.84
C PHE A 75 16.58 -13.55 -11.11
N GLN A 76 16.21 -13.56 -12.39
CA GLN A 76 14.90 -13.08 -12.82
C GLN A 76 14.30 -13.94 -13.93
N THR A 77 12.97 -14.08 -13.90
CA THR A 77 12.19 -14.66 -14.99
C THR A 77 11.37 -13.52 -15.64
N LYS A 78 10.44 -13.88 -16.53
CA LYS A 78 9.53 -12.91 -17.15
C LYS A 78 8.68 -12.13 -16.13
N GLU A 79 8.24 -12.80 -15.08
CA GLU A 79 7.35 -12.21 -14.05
C GLU A 79 8.03 -11.87 -12.72
N ASN A 80 9.12 -12.57 -12.39
CA ASN A 80 9.68 -12.59 -11.04
C ASN A 80 11.08 -11.97 -10.90
N LEU A 81 11.35 -11.43 -9.71
CA LEU A 81 12.69 -11.03 -9.27
C LEU A 81 12.98 -11.77 -7.96
N PHE A 82 14.09 -12.50 -7.90
CA PHE A 82 14.47 -13.31 -6.74
C PHE A 82 15.80 -12.87 -6.15
N PHE A 83 15.84 -12.69 -4.82
CA PHE A 83 17.09 -12.55 -4.06
C PHE A 83 17.26 -13.81 -3.21
N VAL A 84 18.34 -14.56 -3.42
CA VAL A 84 18.66 -15.72 -2.58
C VAL A 84 19.62 -15.29 -1.46
N MET A 85 19.09 -15.13 -0.25
CA MET A 85 19.83 -14.63 0.90
C MET A 85 20.22 -15.76 1.85
N GLU A 86 21.17 -15.47 2.75
CA GLU A 86 21.43 -16.33 3.91
C GLU A 86 20.19 -16.35 4.80
N TYR A 87 19.87 -17.51 5.34
CA TYR A 87 18.72 -17.66 6.23
C TYR A 87 19.11 -17.35 7.67
N LEU A 88 18.57 -16.26 8.20
CA LEU A 88 18.86 -15.78 9.55
C LEU A 88 17.63 -16.03 10.41
N ASN A 89 17.66 -17.11 11.19
CA ASN A 89 16.49 -17.53 12.00
C ASN A 89 16.53 -17.10 13.45
N GLY A 90 17.28 -16.04 13.77
CA GLY A 90 17.32 -15.48 15.11
C GLY A 90 16.07 -14.68 15.47
N GLY A 91 15.36 -14.18 14.44
CA GLY A 91 14.20 -13.30 14.62
C GLY A 91 14.62 -11.85 14.59
N ASP A 92 13.75 -10.98 14.08
CA ASP A 92 14.04 -9.54 14.06
C ASP A 92 13.80 -8.89 15.43
N LEU A 93 14.33 -7.68 15.60
CA LEU A 93 14.26 -7.00 16.89
C LEU A 93 12.85 -6.53 17.24
N MET A 94 12.04 -6.25 16.23
CA MET A 94 10.62 -5.91 16.44
C MET A 94 9.88 -7.12 17.03
N TYR A 95 10.17 -8.32 16.53
CA TYR A 95 9.58 -9.55 17.05
C TYR A 95 9.96 -9.81 18.51
N HIS A 96 11.23 -9.56 18.86
CA HIS A 96 11.74 -9.80 20.22
C HIS A 96 11.30 -8.73 21.21
N ILE A 97 11.22 -7.48 20.77
CA ILE A 97 10.81 -6.36 21.63
C ILE A 97 9.30 -6.33 21.95
N GLN A 98 8.48 -6.88 21.05
CA GLN A 98 7.03 -7.02 21.30
C GLN A 98 6.78 -7.94 22.51
N SER A 99 7.56 -9.01 22.58
CA SER A 99 7.53 -9.98 23.68
C SER A 99 7.99 -9.37 25.01
N CYS A 100 9.19 -8.76 25.03
CA CYS A 100 9.81 -8.26 26.26
C CYS A 100 9.64 -6.75 26.53
N HIS A 101 8.88 -6.06 25.69
CA HIS A 101 8.58 -4.60 25.80
C HIS A 101 9.78 -3.67 25.58
N LYS A 102 10.86 -3.88 26.33
CA LYS A 102 12.08 -3.08 26.17
C LYS A 102 13.31 -3.94 26.43
N PHE A 103 14.45 -3.54 25.85
CA PHE A 103 15.71 -4.24 26.05
C PHE A 103 16.47 -3.66 27.23
N ASP A 104 17.10 -4.53 28.02
CA ASP A 104 18.00 -4.11 29.09
C ASP A 104 19.21 -3.35 28.54
N LEU A 105 19.88 -2.60 29.41
CA LEU A 105 20.93 -1.66 29.00
C LEU A 105 22.04 -2.31 28.18
N SER A 106 22.60 -3.41 28.70
CA SER A 106 23.70 -4.11 28.03
C SER A 106 23.29 -4.72 26.68
N ARG A 107 22.05 -5.19 26.57
CA ARG A 107 21.52 -5.71 25.31
C ARG A 107 21.30 -4.60 24.27
N ALA A 108 20.72 -3.48 24.69
CA ALA A 108 20.52 -2.33 23.80
C ALA A 108 21.85 -1.71 23.35
N THR A 109 22.82 -1.67 24.27
CA THR A 109 24.16 -1.17 23.97
C THR A 109 24.88 -2.01 22.93
N PHE A 110 24.76 -3.34 23.08
CA PHE A 110 25.40 -4.31 22.19
C PHE A 110 24.86 -4.18 20.77
N TYR A 111 23.53 -4.16 20.66
CA TYR A 111 22.86 -3.90 19.38
C TYR A 111 23.25 -2.55 18.79
N ALA A 112 23.22 -1.49 19.62
CA ALA A 112 23.64 -0.15 19.17
C ALA A 112 25.05 -0.14 18.59
N ALA A 113 25.97 -0.83 19.26
CA ALA A 113 27.37 -0.90 18.83
C ALA A 113 27.52 -1.63 17.49
N GLU A 114 26.86 -2.77 17.34
CA GLU A 114 26.93 -3.54 16.09
C GLU A 114 26.28 -2.79 14.92
N ILE A 115 25.20 -2.05 15.20
CA ILE A 115 24.55 -1.21 14.20
C ILE A 115 25.45 -0.05 13.75
N ILE A 116 26.21 0.53 14.69
CA ILE A 116 27.19 1.58 14.37
C ILE A 116 28.25 1.09 13.37
N LEU A 117 28.77 -0.11 13.59
CA LEU A 117 29.74 -0.70 12.65
C LEU A 117 29.16 -0.89 11.25
N GLY A 118 27.94 -1.41 11.17
CA GLY A 118 27.22 -1.60 9.91
C GLY A 118 26.94 -0.29 9.17
N LEU A 119 26.44 0.71 9.89
CA LEU A 119 26.18 2.03 9.30
C LEU A 119 27.45 2.75 8.85
N GLN A 120 28.49 2.73 9.69
CA GLN A 120 29.76 3.38 9.36
C GLN A 120 30.44 2.75 8.14
N PHE A 121 30.31 1.43 7.98
CA PHE A 121 30.74 0.75 6.76
C PHE A 121 29.99 1.27 5.52
N LEU A 122 28.65 1.34 5.61
CA LEU A 122 27.82 1.85 4.51
C LEU A 122 28.20 3.30 4.15
N HIS A 123 28.26 4.16 5.16
CA HIS A 123 28.67 5.56 4.97
C HIS A 123 30.08 5.71 4.35
N SER A 124 30.99 4.80 4.69
CA SER A 124 32.34 4.82 4.14
C SER A 124 32.35 4.51 2.64
N LYS A 125 31.38 3.71 2.20
CA LYS A 125 31.16 3.39 0.77
C LYS A 125 30.22 4.39 0.06
N GLY A 126 29.91 5.51 0.69
CA GLY A 126 29.04 6.52 0.11
C GLY A 126 27.59 6.11 0.02
N ILE A 127 27.14 5.28 0.95
CA ILE A 127 25.77 4.78 0.98
C ILE A 127 25.08 5.32 2.22
N VAL A 128 23.97 6.03 2.02
CA VAL A 128 23.09 6.46 3.10
C VAL A 128 21.87 5.54 3.08
N TYR A 129 21.55 4.97 4.24
CA TYR A 129 20.65 3.81 4.33
C TYR A 129 19.17 4.20 4.34
N ARG A 130 18.83 5.18 5.18
CA ARG A 130 17.52 5.87 5.20
C ARG A 130 16.29 5.12 5.74
N ASP A 131 16.37 3.81 5.93
CA ASP A 131 15.24 3.02 6.43
C ASP A 131 15.62 2.18 7.66
N LEU A 132 16.33 2.80 8.59
CA LEU A 132 16.73 2.13 9.84
C LEU A 132 15.52 2.02 10.75
N LYS A 133 15.18 0.79 11.14
CA LYS A 133 14.07 0.51 12.06
C LYS A 133 14.12 -0.91 12.61
N LEU A 134 13.42 -1.14 13.73
CA LEU A 134 13.49 -2.41 14.47
C LEU A 134 13.24 -3.65 13.61
N ASP A 135 12.23 -3.61 12.75
CA ASP A 135 11.90 -4.77 11.88
C ASP A 135 12.80 -4.90 10.64
N ASN A 136 13.72 -3.96 10.43
CA ASN A 136 14.79 -4.10 9.44
C ASN A 136 16.13 -4.55 10.06
N ILE A 137 16.13 -4.91 11.34
CA ILE A 137 17.30 -5.50 12.00
C ILE A 137 16.98 -6.95 12.36
N LEU A 138 17.62 -7.89 11.66
CA LEU A 138 17.47 -9.32 11.91
C LEU A 138 18.57 -9.82 12.85
N LEU A 139 18.28 -10.92 13.57
CA LEU A 139 19.33 -11.63 14.32
C LEU A 139 19.70 -12.94 13.63
N ASP A 140 20.97 -13.31 13.72
CA ASP A 140 21.42 -14.64 13.27
C ASP A 140 21.23 -15.65 14.41
N LYS A 141 21.58 -16.91 14.17
CA LYS A 141 21.40 -17.98 15.16
C LYS A 141 22.07 -17.74 16.54
N ASP A 142 23.16 -16.98 16.55
CA ASP A 142 23.90 -16.66 17.79
C ASP A 142 23.46 -15.37 18.47
N GLY A 143 22.82 -14.47 17.74
CA GLY A 143 22.30 -13.21 18.29
C GLY A 143 23.00 -11.93 17.87
N HIS A 144 23.90 -12.02 16.88
CA HIS A 144 24.51 -10.83 16.27
C HIS A 144 23.52 -10.22 15.30
N ILE A 145 23.55 -8.89 15.19
CA ILE A 145 22.60 -8.18 14.32
C ILE A 145 23.00 -8.30 12.84
N LYS A 146 22.00 -8.25 11.98
CA LYS A 146 22.20 -8.15 10.54
C LYS A 146 21.25 -7.07 10.03
N ILE A 147 21.82 -5.98 9.49
CA ILE A 147 20.99 -4.93 8.89
C ILE A 147 20.42 -5.42 7.54
N ALA A 148 19.14 -5.15 7.31
CA ALA A 148 18.39 -5.66 6.15
C ALA A 148 17.64 -4.57 5.39
N ASP A 149 17.13 -4.94 4.22
CA ASP A 149 16.31 -4.04 3.35
C ASP A 149 17.03 -2.78 2.88
N PHE A 150 17.89 -2.91 1.87
CA PHE A 150 18.70 -1.81 1.35
C PHE A 150 18.09 -1.09 0.12
N GLY A 151 16.83 -1.36 -0.19
CA GLY A 151 16.16 -0.75 -1.34
C GLY A 151 15.93 0.76 -1.27
N MET A 152 15.97 1.32 -0.06
CA MET A 152 15.75 2.74 0.17
C MET A 152 17.07 3.54 0.24
N CYS A 153 18.20 2.91 -0.09
CA CYS A 153 19.51 3.55 -0.01
C CYS A 153 19.69 4.62 -1.10
N LYS A 154 20.57 5.57 -0.81
CA LYS A 154 21.12 6.48 -1.81
C LYS A 154 22.62 6.18 -1.91
N GLU A 155 23.07 5.87 -3.12
CA GLU A 155 24.47 5.61 -3.41
C GLU A 155 25.17 6.91 -3.83
N ASN A 156 26.49 6.82 -4.01
CA ASN A 156 27.32 7.92 -4.51
C ASN A 156 27.24 9.19 -3.64
N MET A 157 27.34 9.01 -2.32
CA MET A 157 27.23 10.10 -1.35
C MET A 157 28.54 10.47 -0.64
N LEU A 158 29.68 10.03 -1.18
CA LEU A 158 30.99 10.42 -0.64
C LEU A 158 31.27 11.89 -0.94
N GLY A 159 32.10 12.51 -0.10
CA GLY A 159 32.56 13.87 -0.32
C GLY A 159 31.53 14.93 0.03
N ASP A 160 31.47 15.99 -0.78
CA ASP A 160 30.52 17.10 -0.61
C ASP A 160 29.27 16.80 -1.44
N ALA A 161 28.60 15.70 -1.10
CA ALA A 161 27.46 15.20 -1.86
C ALA A 161 26.23 15.21 -0.97
N LYS A 162 25.10 15.61 -1.55
CA LYS A 162 23.82 15.65 -0.85
C LYS A 162 22.67 15.21 -1.76
N THR A 163 21.58 14.80 -1.13
CA THR A 163 20.34 14.46 -1.85
C THR A 163 19.15 15.01 -1.07
N ASN A 164 17.97 15.04 -1.70
CA ASN A 164 16.81 15.77 -1.13
C ASN A 164 15.46 15.04 -1.04
N GLU A 165 15.34 13.82 -1.56
CA GLU A 165 14.03 13.16 -1.69
C GLU A 165 13.44 12.71 -0.35
N PHE A 166 12.11 12.81 -0.25
CA PHE A 166 11.38 12.48 0.95
C PHE A 166 11.17 10.97 1.04
N CYS A 167 11.82 10.32 2.00
CA CYS A 167 11.64 8.89 2.21
C CYS A 167 12.02 8.44 3.61
N GLY A 168 11.59 7.23 3.95
CA GLY A 168 11.81 6.63 5.27
C GLY A 168 10.51 6.26 5.92
N THR A 169 10.60 5.63 7.09
CA THR A 169 9.41 5.28 7.89
C THR A 169 9.12 6.45 8.85
N PRO A 170 7.85 6.92 8.90
CA PRO A 170 7.42 8.12 9.66
C PRO A 170 8.03 8.36 11.05
N ASP A 171 8.02 7.36 11.92
CA ASP A 171 8.60 7.51 13.28
C ASP A 171 10.09 7.87 13.30
N TYR A 172 10.82 7.46 12.25
CA TYR A 172 12.28 7.56 12.17
C TYR A 172 12.81 8.68 11.26
N ILE A 173 11.92 9.36 10.53
CA ILE A 173 12.31 10.40 9.57
C ILE A 173 12.95 11.58 10.29
N ALA A 174 14.12 12.00 9.82
CA ALA A 174 14.86 13.11 10.42
C ALA A 174 14.18 14.43 10.10
N PRO A 175 14.32 15.44 10.98
CA PRO A 175 13.70 16.74 10.72
C PRO A 175 14.21 17.45 9.46
N GLU A 176 15.49 17.23 9.10
CA GLU A 176 16.05 17.83 7.87
C GLU A 176 15.36 17.35 6.58
N ILE A 177 14.87 16.11 6.59
CA ILE A 177 14.03 15.58 5.51
C ILE A 177 12.63 16.21 5.54
N LEU A 178 12.04 16.31 6.74
CA LEU A 178 10.71 16.93 6.93
C LEU A 178 10.67 18.40 6.52
N LEU A 179 11.77 19.11 6.76
CA LEU A 179 11.93 20.52 6.37
C LEU A 179 12.37 20.74 4.90
N GLY A 180 12.46 19.65 4.12
CA GLY A 180 12.79 19.73 2.70
C GLY A 180 14.22 20.11 2.35
N GLN A 181 15.13 19.99 3.32
CA GLN A 181 16.53 20.35 3.12
C GLN A 181 17.28 19.25 2.38
N LYS A 182 18.36 19.65 1.70
CA LYS A 182 19.33 18.71 1.16
C LYS A 182 20.08 18.09 2.34
N TYR A 183 20.34 16.78 2.27
CA TYR A 183 20.93 16.04 3.38
C TYR A 183 21.95 14.99 2.96
N ASN A 184 22.72 14.53 3.94
CA ASN A 184 23.73 13.47 3.77
C ASN A 184 23.47 12.34 4.79
N HIS A 185 24.50 11.61 5.18
CA HIS A 185 24.39 10.51 6.17
C HIS A 185 23.84 10.91 7.54
N SER A 186 23.78 12.21 7.84
CA SER A 186 23.17 12.70 9.09
C SER A 186 21.80 12.09 9.42
N VAL A 187 21.00 11.82 8.38
CA VAL A 187 19.65 11.27 8.54
C VAL A 187 19.63 9.90 9.21
N ASP A 188 20.64 9.07 8.93
CA ASP A 188 20.80 7.76 9.57
C ASP A 188 21.06 7.85 11.08
N TRP A 189 21.78 8.86 11.52
CA TRP A 189 22.10 9.04 12.95
C TRP A 189 20.94 9.54 13.79
N TRP A 190 20.06 10.32 13.18
CA TRP A 190 18.78 10.66 13.81
C TRP A 190 17.92 9.41 13.97
N SER A 191 17.83 8.62 12.90
CA SER A 191 17.09 7.36 12.92
C SER A 191 17.67 6.38 13.93
N PHE A 192 19.01 6.33 14.00
CA PHE A 192 19.73 5.53 14.99
C PHE A 192 19.30 5.89 16.41
N GLY A 193 19.21 7.18 16.69
CA GLY A 193 18.72 7.67 17.97
C GLY A 193 17.29 7.24 18.27
N VAL A 194 16.44 7.25 17.25
CA VAL A 194 15.05 6.78 17.39
C VAL A 194 15.01 5.28 17.70
N LEU A 195 15.82 4.50 16.97
CA LEU A 195 15.94 3.05 17.22
C LEU A 195 16.45 2.77 18.64
N LEU A 196 17.51 3.47 19.04
CA LEU A 196 18.10 3.30 20.38
C LEU A 196 17.12 3.65 21.50
N TYR A 197 16.38 4.73 21.30
CA TYR A 197 15.33 5.15 22.23
C TYR A 197 14.26 4.07 22.39
N GLU A 198 13.84 3.47 21.27
CA GLU A 198 12.80 2.45 21.29
C GLU A 198 13.24 1.14 21.95
N MET A 199 14.51 0.77 21.74
CA MET A 199 15.10 -0.37 22.44
C MET A 199 15.15 -0.15 23.96
N LEU A 200 15.62 1.03 24.38
CA LEU A 200 15.76 1.35 25.80
C LEU A 200 14.43 1.62 26.51
N ILE A 201 13.59 2.46 25.89
CA ILE A 201 12.35 2.95 26.50
C ILE A 201 11.11 2.11 26.17
N GLY A 202 11.10 1.45 25.02
CA GLY A 202 9.96 0.59 24.64
C GLY A 202 8.80 1.30 23.96
N GLN A 203 8.98 2.58 23.65
CA GLN A 203 8.06 3.33 22.81
C GLN A 203 8.85 4.34 21.99
N SER A 204 8.20 4.95 21.01
CA SER A 204 8.85 5.94 20.14
C SER A 204 9.00 7.26 20.90
N PRO A 205 10.02 8.07 20.56
CA PRO A 205 10.19 9.37 21.21
C PRO A 205 9.24 10.48 20.71
N PHE A 206 8.72 10.32 19.50
CA PHE A 206 7.82 11.31 18.89
C PHE A 206 6.47 10.66 18.59
N HIS A 207 5.38 11.40 18.85
CA HIS A 207 4.00 10.86 18.76
C HIS A 207 3.03 11.80 18.06
N GLY A 208 1.92 11.21 17.62
CA GLY A 208 0.80 11.98 17.07
C GLY A 208 -0.36 11.11 16.63
N GLN A 209 -1.57 11.67 16.66
CA GLN A 209 -2.78 10.96 16.20
C GLN A 209 -2.79 10.76 14.68
N ASP A 210 -2.20 11.72 13.94
CA ASP A 210 -1.99 11.62 12.49
C ASP A 210 -0.52 11.92 12.15
N GLU A 211 -0.17 11.88 10.86
CA GLU A 211 1.21 12.20 10.44
C GLU A 211 1.61 13.65 10.70
N GLU A 212 0.66 14.56 10.54
CA GLU A 212 0.91 16.00 10.72
C GLU A 212 1.38 16.31 12.15
N GLU A 213 0.72 15.72 13.14
CA GLU A 213 1.13 15.88 14.54
C GLU A 213 2.45 15.17 14.83
N LEU A 214 2.66 14.00 14.22
CA LEU A 214 3.90 13.25 14.36
C LEU A 214 5.09 14.02 13.80
N PHE A 215 4.93 14.59 12.61
CA PHE A 215 5.99 15.41 12.02
C PHE A 215 6.26 16.69 12.82
N HIS A 216 5.20 17.33 13.34
CA HIS A 216 5.37 18.46 14.27
C HIS A 216 6.16 18.04 15.52
N SER A 217 5.86 16.87 16.07
CA SER A 217 6.56 16.33 17.24
C SER A 217 8.03 16.10 16.94
N ILE A 218 8.33 15.50 15.79
CA ILE A 218 9.71 15.29 15.32
C ILE A 218 10.45 16.63 15.18
N ARG A 219 9.78 17.63 14.64
CA ARG A 219 10.35 18.95 14.44
C ARG A 219 10.53 19.75 15.75
N MET A 220 9.56 19.67 16.65
CA MET A 220 9.43 20.62 17.77
C MET A 220 9.56 20.06 19.18
N ASP A 221 9.07 18.83 19.41
CA ASP A 221 8.91 18.30 20.78
C ASP A 221 10.20 17.71 21.35
N ASN A 222 10.34 17.83 22.68
CA ASN A 222 11.49 17.33 23.42
C ASN A 222 11.29 15.86 23.78
N PRO A 223 12.25 14.97 23.46
CA PRO A 223 12.10 13.57 23.85
C PRO A 223 12.06 13.36 25.37
N PHE A 224 11.24 12.42 25.81
CA PHE A 224 11.05 12.15 27.24
C PHE A 224 12.04 11.08 27.69
N TYR A 225 12.75 11.39 28.78
CA TYR A 225 13.73 10.47 29.34
C TYR A 225 13.25 10.11 30.74
N PRO A 226 12.87 8.83 30.97
CA PRO A 226 12.44 8.43 32.31
C PRO A 226 13.56 8.51 33.35
N ARG A 227 13.16 8.70 34.61
CA ARG A 227 14.08 8.85 35.74
C ARG A 227 15.03 7.64 35.89
N TRP A 228 14.51 6.45 35.61
CA TRP A 228 15.28 5.20 35.71
C TRP A 228 16.37 5.01 34.64
N LEU A 229 16.33 5.78 33.55
CA LEU A 229 17.28 5.63 32.45
C LEU A 229 18.69 6.02 32.87
N GLU A 230 19.66 5.13 32.61
CA GLU A 230 21.09 5.39 32.81
C GLU A 230 21.52 6.72 32.17
N LYS A 231 22.36 7.49 32.86
CA LYS A 231 22.73 8.83 32.42
C LYS A 231 23.51 8.88 31.09
N GLU A 232 24.39 7.90 30.87
CA GLU A 232 25.17 7.84 29.63
C GLU A 232 24.33 7.39 28.44
N ALA A 233 23.24 6.65 28.69
CA ALA A 233 22.25 6.35 27.66
C ALA A 233 21.48 7.61 27.28
N LYS A 234 21.10 8.39 28.29
CA LYS A 234 20.42 9.67 28.09
C LYS A 234 21.30 10.67 27.34
N ASP A 235 22.58 10.73 27.70
CA ASP A 235 23.51 11.66 27.09
C ASP A 235 23.68 11.38 25.59
N LEU A 236 23.89 10.12 25.23
CA LEU A 236 24.02 9.72 23.83
C LEU A 236 22.79 10.12 23.00
N LEU A 237 21.61 9.86 23.56
CA LEU A 237 20.35 10.22 22.91
C LEU A 237 20.17 11.73 22.74
N VAL A 238 20.57 12.51 23.73
CA VAL A 238 20.54 13.98 23.64
C VAL A 238 21.52 14.48 22.56
N LYS A 239 22.69 13.86 22.46
CA LYS A 239 23.67 14.18 21.42
C LYS A 239 23.23 13.72 20.02
N LEU A 240 22.39 12.70 19.96
CA LEU A 240 21.83 12.21 18.69
C LEU A 240 20.60 12.99 18.22
N PHE A 241 19.79 13.48 19.17
CA PHE A 241 18.59 14.26 18.84
C PHE A 241 18.86 15.78 18.78
N VAL A 242 19.94 16.16 18.11
CA VAL A 242 20.24 17.56 17.79
C VAL A 242 19.75 17.79 16.37
N ARG A 243 18.88 18.77 16.18
CA ARG A 243 18.20 18.97 14.90
C ARG A 243 19.08 19.61 13.81
N GLU A 244 20.12 20.33 14.22
CA GLU A 244 21.10 20.88 13.29
C GLU A 244 22.03 19.72 12.87
N PRO A 245 21.91 19.24 11.61
CA PRO A 245 22.60 18.00 11.19
C PRO A 245 24.11 17.96 11.42
N GLU A 246 24.78 19.08 11.16
CA GLU A 246 26.24 19.16 11.27
C GLU A 246 26.76 19.13 12.71
N LYS A 247 25.89 19.40 13.69
CA LYS A 247 26.24 19.32 15.13
C LYS A 247 25.76 18.02 15.82
N ARG A 248 25.39 17.02 15.02
CA ARG A 248 24.86 15.75 15.55
C ARG A 248 25.96 14.70 15.66
N LEU A 249 25.93 13.91 16.73
CA LEU A 249 26.95 12.88 16.94
C LEU A 249 26.77 11.80 15.87
N GLY A 250 27.88 11.36 15.28
CA GLY A 250 27.86 10.50 14.09
C GLY A 250 28.33 11.27 12.88
N VAL A 251 27.79 12.48 12.71
CA VAL A 251 28.28 13.45 11.73
C VAL A 251 29.48 14.18 12.32
N ARG A 252 29.26 14.75 13.50
CA ARG A 252 30.28 15.42 14.31
C ARG A 252 30.86 14.39 15.28
N GLY A 253 32.07 14.64 15.76
CA GLY A 253 32.67 13.87 16.86
C GLY A 253 32.99 12.42 16.54
N ASP A 254 33.14 11.62 17.59
CA ASP A 254 33.44 10.18 17.48
C ASP A 254 32.48 9.38 18.36
N ILE A 255 31.40 8.89 17.75
CA ILE A 255 30.34 8.15 18.45
C ILE A 255 30.83 6.88 19.19
N ARG A 256 31.87 6.23 18.65
CA ARG A 256 32.46 5.05 19.31
C ARG A 256 33.11 5.34 20.66
N GLN A 257 33.60 6.56 20.83
CA GLN A 257 34.23 7.00 22.07
C GLN A 257 33.23 7.52 23.12
N HIS A 258 31.93 7.46 22.83
CA HIS A 258 30.92 7.85 23.82
C HIS A 258 30.96 6.88 25.01
N PRO A 259 30.83 7.39 26.26
CA PRO A 259 30.88 6.52 27.45
C PRO A 259 29.89 5.35 27.53
N LEU A 260 28.83 5.35 26.73
CA LEU A 260 27.90 4.21 26.68
C LEU A 260 28.60 2.93 26.21
N PHE A 261 29.49 3.09 25.24
CA PHE A 261 30.25 1.97 24.67
C PHE A 261 31.66 1.87 25.26
N ARG A 262 31.80 2.24 26.53
CA ARG A 262 33.10 2.32 27.22
C ARG A 262 33.74 0.95 27.43
N GLU A 263 32.92 -0.06 27.74
CA GLU A 263 33.38 -1.46 27.90
C GLU A 263 33.55 -2.21 26.56
N ILE A 264 33.12 -1.63 25.46
CA ILE A 264 33.15 -2.29 24.15
C ILE A 264 34.52 -2.12 23.47
N ASN A 265 35.19 -3.25 23.25
CA ASN A 265 36.36 -3.29 22.36
C ASN A 265 35.85 -3.42 20.92
N TRP A 266 36.02 -2.36 20.13
CA TRP A 266 35.42 -2.28 18.79
C TRP A 266 36.03 -3.19 17.75
N GLU A 267 37.30 -3.56 17.93
CA GLU A 267 37.97 -4.48 17.02
C GLU A 267 37.47 -5.91 17.27
N GLU A 268 37.35 -6.28 18.55
CA GLU A 268 36.76 -7.56 18.95
C GLU A 268 35.30 -7.71 18.47
N LEU A 269 34.51 -6.64 18.63
CA LEU A 269 33.10 -6.62 18.22
C LEU A 269 32.94 -6.88 16.71
N GLU A 270 33.79 -6.25 15.91
CA GLU A 270 33.76 -6.43 14.45
C GLU A 270 34.15 -7.86 14.05
N ARG A 271 35.06 -8.48 14.79
CA ARG A 271 35.45 -9.88 14.57
C ARG A 271 34.49 -10.93 15.17
N LYS A 272 33.36 -10.49 15.74
CA LYS A 272 32.32 -11.37 16.32
C LYS A 272 32.86 -12.17 17.52
N GLU A 273 33.66 -11.51 18.36
CA GLU A 273 34.33 -12.14 19.51
C GLU A 273 33.76 -11.72 20.87
N ILE A 274 32.75 -10.84 20.88
CA ILE A 274 32.04 -10.45 22.09
C ILE A 274 30.68 -11.15 22.05
N ASP A 275 30.41 -11.99 23.06
CA ASP A 275 29.20 -12.80 23.10
C ASP A 275 27.95 -11.91 23.22
N PRO A 276 26.94 -12.12 22.35
CA PRO A 276 25.68 -11.38 22.51
C PRO A 276 25.03 -11.67 23.86
N PRO A 277 24.60 -10.63 24.60
CA PRO A 277 23.86 -10.83 25.86
C PRO A 277 22.58 -11.65 25.76
N PHE A 278 21.94 -11.65 24.58
CA PHE A 278 20.76 -12.47 24.29
C PHE A 278 21.10 -13.46 23.17
N ARG A 279 20.93 -14.75 23.43
CA ARG A 279 21.09 -15.79 22.43
C ARG A 279 19.70 -16.37 22.12
N PRO A 280 19.22 -16.22 20.86
CA PRO A 280 17.90 -16.79 20.54
C PRO A 280 17.80 -18.32 20.62
N LYS A 281 16.59 -18.81 20.88
CA LYS A 281 16.27 -20.23 20.80
C LYS A 281 16.28 -20.65 19.33
N VAL A 282 17.21 -21.54 18.96
CA VAL A 282 17.33 -22.04 17.59
C VAL A 282 17.73 -23.53 17.61
N LYS A 283 16.75 -24.41 17.34
CA LYS A 283 16.98 -25.86 17.37
C LYS A 283 17.83 -26.40 16.21
N SER A 284 17.73 -25.75 15.05
CA SER A 284 18.35 -26.24 13.81
C SER A 284 18.68 -25.10 12.83
N PRO A 285 19.42 -25.39 11.75
CA PRO A 285 19.60 -24.39 10.67
C PRO A 285 18.34 -24.04 9.86
N PHE A 286 17.27 -24.85 9.96
CA PHE A 286 16.01 -24.61 9.25
C PHE A 286 14.81 -24.35 10.20
N ASP A 287 15.10 -23.92 11.42
CA ASP A 287 14.07 -23.67 12.43
C ASP A 287 13.33 -22.36 12.11
N CYS A 288 12.02 -22.34 12.35
CA CYS A 288 11.14 -21.19 12.06
C CYS A 288 10.45 -20.63 13.31
N SER A 289 11.00 -20.91 14.49
CA SER A 289 10.36 -20.53 15.77
C SER A 289 10.19 -19.02 15.93
N ASN A 290 11.21 -18.26 15.54
CA ASN A 290 11.26 -16.81 15.77
C ASN A 290 10.67 -15.99 14.61
N PHE A 291 9.46 -16.36 14.17
CA PHE A 291 8.70 -15.62 13.14
C PHE A 291 7.21 -15.69 13.48
N ASP A 292 6.45 -14.68 13.04
CA ASP A 292 4.99 -14.63 13.23
C ASP A 292 4.33 -15.87 12.61
N LYS A 293 3.42 -16.49 13.37
CA LYS A 293 2.80 -17.76 12.98
C LYS A 293 1.71 -17.63 11.89
N GLU A 294 1.25 -16.40 11.64
CA GLU A 294 0.22 -16.14 10.62
C GLU A 294 0.68 -16.54 9.21
N PHE A 295 1.91 -16.17 8.88
CA PHE A 295 2.49 -16.45 7.57
C PHE A 295 2.92 -17.91 7.44
N LEU A 296 3.57 -18.44 8.48
CA LEU A 296 4.11 -19.81 8.50
C LEU A 296 3.11 -20.88 8.06
N ASN A 297 1.89 -20.79 8.56
CA ASN A 297 0.83 -21.78 8.28
C ASN A 297 0.25 -21.68 6.85
N GLU A 298 0.38 -20.51 6.22
CA GLU A 298 -0.06 -20.30 4.83
C GLU A 298 0.87 -21.05 3.87
N LYS A 299 0.29 -21.69 2.85
CA LYS A 299 1.04 -22.50 1.90
C LYS A 299 1.90 -21.60 1.00
N PRO A 300 3.19 -21.97 0.79
CA PRO A 300 4.08 -21.15 -0.03
C PRO A 300 3.75 -21.20 -1.52
N ARG A 301 3.54 -20.04 -2.12
CA ARG A 301 3.19 -19.92 -3.54
C ARG A 301 3.53 -18.55 -4.09
N LEU A 302 3.83 -18.51 -5.39
CA LEU A 302 4.07 -17.26 -6.12
C LEU A 302 2.79 -16.87 -6.85
N PHE A 304 0.10 -15.01 -9.50
CA PHE A 304 0.01 -14.74 -10.94
C PHE A 304 0.39 -13.29 -11.19
N ALA A 305 0.61 -12.97 -12.47
CA ALA A 305 1.04 -11.63 -12.88
C ALA A 305 0.06 -11.02 -13.88
N ASP A 306 0.02 -9.69 -13.89
CA ASP A 306 -0.78 -8.93 -14.86
C ASP A 306 -0.12 -9.05 -16.23
N ARG A 307 -0.60 -10.01 -17.01
CA ARG A 307 0.00 -10.34 -18.32
C ARG A 307 0.00 -9.16 -19.28
N ALA A 308 -1.08 -8.38 -19.28
CA ALA A 308 -1.20 -7.16 -20.08
C ALA A 308 -0.14 -6.12 -19.72
N LEU A 309 0.24 -6.05 -18.45
CA LEU A 309 1.26 -5.13 -17.98
C LEU A 309 2.65 -5.65 -18.34
N ILE A 310 2.91 -6.93 -18.06
CA ILE A 310 4.22 -7.56 -18.29
C ILE A 310 4.60 -7.65 -19.77
N ASN A 311 3.63 -7.97 -20.63
CA ASN A 311 3.85 -7.97 -22.08
C ASN A 311 4.11 -6.56 -22.63
N SER A 312 3.37 -5.58 -22.11
CA SER A 312 3.56 -4.16 -22.48
C SER A 312 4.75 -3.48 -21.80
N MET A 313 5.41 -4.19 -20.89
CA MET A 313 6.52 -3.65 -20.09
C MET A 313 7.82 -3.61 -20.90
N ASP A 314 8.68 -2.66 -20.56
CA ASP A 314 10.06 -2.62 -21.05
C ASP A 314 10.87 -3.66 -20.28
N GLN A 315 11.46 -4.62 -21.00
CA GLN A 315 12.21 -5.73 -20.38
C GLN A 315 13.52 -5.31 -19.72
N ASN A 316 14.15 -4.25 -20.24
CA ASN A 316 15.47 -3.80 -19.78
C ASN A 316 15.50 -2.90 -18.54
N MET A 317 14.36 -2.79 -17.83
CA MET A 317 14.30 -2.08 -16.54
C MET A 317 15.18 -2.75 -15.49
N PHE A 318 15.14 -4.09 -15.46
CA PHE A 318 15.94 -4.89 -14.53
C PHE A 318 17.17 -5.52 -15.20
N ARG A 319 17.84 -4.71 -16.03
CA ARG A 319 19.10 -5.11 -16.68
C ARG A 319 20.22 -5.05 -15.64
N ASN A 320 21.17 -5.96 -15.77
CA ASN A 320 22.26 -6.16 -14.78
C ASN A 320 21.76 -6.52 -13.37
N PHE A 321 20.60 -7.16 -13.27
CA PHE A 321 20.03 -7.58 -11.98
C PHE A 321 20.62 -8.90 -11.50
N PHE A 323 23.08 -11.67 -10.33
CA PHE A 323 24.36 -11.72 -9.62
C PHE A 323 24.53 -13.13 -9.07
N MET A 324 25.77 -13.55 -8.90
CA MET A 324 26.08 -14.84 -8.27
C MET A 324 27.50 -14.84 -7.73
N ASN A 325 27.66 -15.07 -6.42
CA ASN A 325 28.99 -15.18 -5.80
C ASN A 325 29.67 -16.52 -6.17
N PRO A 326 30.99 -16.66 -5.93
CA PRO A 326 31.68 -17.92 -6.26
C PRO A 326 31.19 -19.19 -5.53
N GLY A 327 30.59 -19.02 -4.35
CA GLY A 327 30.04 -20.14 -3.59
C GLY A 327 28.85 -20.83 -4.25
N MET A 328 27.95 -20.04 -4.83
CA MET A 328 26.75 -20.58 -5.49
C MET A 328 27.03 -21.37 -6.76
N GLU A 329 28.01 -20.93 -7.55
CA GLU A 329 28.43 -21.69 -8.74
C GLU A 329 28.98 -23.07 -8.37
N ARG A 330 29.70 -23.15 -7.25
CA ARG A 330 30.23 -24.42 -6.74
C ARG A 330 29.13 -25.37 -6.24
N LEU A 331 28.05 -24.80 -5.67
CA LEU A 331 26.89 -25.57 -5.21
C LEU A 331 25.70 -25.49 -6.19
N ILE A 332 25.99 -25.64 -7.48
CA ILE A 332 24.98 -25.75 -8.54
C ILE A 332 25.38 -26.82 -9.57
N SER A 333 26.58 -26.68 -10.14
CA SER A 333 27.13 -27.65 -11.10
C SER A 333 27.37 -29.05 -10.50
N HIS A 334 27.69 -29.11 -9.21
CA HIS A 334 27.85 -30.38 -8.50
C HIS A 334 26.49 -31.05 -8.23
N LYS B 1 0.41 21.75 -19.25
CA LYS B 1 -0.55 21.28 -20.30
C LYS B 1 -0.01 20.01 -20.98
N LEU B 2 -0.73 18.90 -20.82
CA LEU B 2 -0.35 17.59 -21.39
C LEU B 2 -1.14 17.27 -22.67
N LYS B 3 -0.60 16.36 -23.47
CA LYS B 3 -1.18 15.94 -24.75
C LYS B 3 -1.14 14.42 -24.89
N ILE B 4 -1.97 13.88 -25.79
CA ILE B 4 -2.04 12.43 -26.02
C ILE B 4 -0.74 11.83 -26.58
N GLU B 5 0.02 12.63 -27.32
CA GLU B 5 1.34 12.24 -27.84
C GLU B 5 2.38 11.97 -26.73
N ASP B 6 2.19 12.57 -25.56
CA ASP B 6 3.04 12.32 -24.38
C ASP B 6 2.88 10.89 -23.84
N PHE B 7 1.73 10.26 -24.09
CA PHE B 7 1.48 8.86 -23.71
C PHE B 7 1.65 7.93 -24.91
N GLU B 8 1.76 6.63 -24.61
CA GLU B 8 1.82 5.57 -25.61
C GLU B 8 0.77 4.51 -25.27
N LEU B 9 -0.28 4.42 -26.09
CA LEU B 9 -1.37 3.46 -25.86
C LEU B 9 -0.92 2.04 -26.19
N HIS B 10 -0.82 1.20 -25.16
CA HIS B 10 -0.28 -0.16 -25.32
C HIS B 10 -1.36 -1.19 -25.67
N LYS B 11 -2.35 -1.32 -24.79
CA LYS B 11 -3.41 -2.32 -24.96
C LYS B 11 -4.78 -1.80 -24.50
N MET B 12 -5.85 -2.28 -25.13
CA MET B 12 -7.22 -1.85 -24.84
C MET B 12 -7.84 -2.78 -23.82
N LEU B 13 -8.41 -2.21 -22.75
CA LEU B 13 -8.93 -2.98 -21.61
C LEU B 13 -10.44 -3.15 -21.60
N GLY B 14 -11.16 -2.14 -22.10
CA GLY B 14 -12.63 -2.21 -22.16
C GLY B 14 -13.23 -1.28 -23.20
N LYS B 15 -14.46 -1.60 -23.61
CA LYS B 15 -15.19 -0.84 -24.62
C LYS B 15 -16.70 -1.00 -24.45
N GLY B 16 -17.45 0.10 -24.51
CA GLY B 16 -18.91 0.08 -24.39
C GLY B 16 -19.54 1.44 -24.12
N SER B 17 -20.46 1.47 -23.15
CA SER B 17 -21.20 2.70 -22.81
C SER B 17 -20.35 3.76 -22.10
N PHE B 18 -19.20 3.36 -21.52
CA PHE B 18 -18.28 4.27 -20.83
C PHE B 18 -17.08 4.67 -21.71
N GLY B 19 -17.30 4.74 -23.03
CA GLY B 19 -16.22 5.01 -23.98
C GLY B 19 -15.30 3.80 -24.14
N LYS B 20 -14.00 4.06 -24.15
CA LYS B 20 -12.97 3.01 -24.27
C LYS B 20 -11.84 3.27 -23.26
N VAL B 21 -11.49 2.23 -22.50
CA VAL B 21 -10.38 2.31 -21.54
C VAL B 21 -9.12 1.69 -22.16
N PHE B 22 -8.03 2.46 -22.15
CA PHE B 22 -6.72 2.04 -22.69
C PHE B 22 -5.67 2.02 -21.59
N LEU B 23 -4.85 0.97 -21.56
CA LEU B 23 -3.65 0.91 -20.72
C LEU B 23 -2.52 1.66 -21.43
N ALA B 24 -2.09 2.79 -20.86
CA ALA B 24 -1.11 3.68 -21.49
C ALA B 24 0.14 3.88 -20.62
N GLU B 25 1.30 4.04 -21.28
CA GLU B 25 2.58 4.31 -20.63
C GLU B 25 3.00 5.75 -20.93
N PHE B 26 3.51 6.46 -19.91
CA PHE B 26 4.07 7.80 -20.09
C PHE B 26 5.42 7.71 -20.80
N LYS B 27 5.71 8.68 -21.68
CA LYS B 27 6.85 8.64 -22.62
C LYS B 27 8.19 8.18 -22.01
N LYS B 28 8.75 9.01 -21.12
CA LYS B 28 10.09 8.79 -20.57
C LYS B 28 10.12 8.02 -19.24
N THR B 29 9.19 8.35 -18.34
CA THR B 29 9.19 7.79 -16.98
C THR B 29 8.83 6.30 -16.87
N ASN B 30 8.15 5.77 -17.89
CA ASN B 30 7.63 4.40 -17.90
C ASN B 30 6.63 4.15 -16.76
N GLN B 31 5.71 5.11 -16.59
CA GLN B 31 4.67 5.06 -15.57
C GLN B 31 3.35 4.70 -16.25
N PHE B 32 2.73 3.61 -15.81
CA PHE B 32 1.53 3.08 -16.47
C PHE B 32 0.24 3.67 -15.89
N PHE B 33 -0.71 3.97 -16.78
CA PHE B 33 -2.00 4.56 -16.43
C PHE B 33 -3.14 3.92 -17.23
N ALA B 34 -4.35 4.04 -16.71
CA ALA B 34 -5.56 3.74 -17.47
C ALA B 34 -6.09 5.07 -18.03
N ILE B 35 -6.29 5.13 -19.35
CA ILE B 35 -6.84 6.32 -20.02
C ILE B 35 -8.23 5.99 -20.59
N LYS B 36 -9.26 6.66 -20.07
CA LYS B 36 -10.64 6.57 -20.59
C LYS B 36 -10.79 7.58 -21.73
N ALA B 37 -11.25 7.09 -22.90
CA ALA B 37 -11.36 7.90 -24.11
C ALA B 37 -12.80 7.97 -24.59
N LEU B 38 -13.31 9.20 -24.74
CA LEU B 38 -14.65 9.45 -25.27
C LEU B 38 -14.56 10.26 -26.57
N LYS B 39 -15.29 9.82 -27.60
CA LYS B 39 -15.46 10.60 -28.83
C LYS B 39 -16.45 11.73 -28.58
N LYS B 40 -16.07 12.95 -28.96
CA LYS B 40 -16.91 14.15 -28.73
C LYS B 40 -18.23 14.09 -29.49
N ASP B 41 -18.19 13.67 -30.74
CA ASP B 41 -19.40 13.52 -31.57
C ASP B 41 -20.35 12.44 -31.02
N VAL B 42 -19.79 11.39 -30.41
CA VAL B 42 -20.58 10.37 -29.71
C VAL B 42 -21.22 10.93 -28.44
N VAL B 43 -20.46 11.72 -27.69
CA VAL B 43 -20.96 12.37 -26.46
C VAL B 43 -22.05 13.40 -26.75
N LEU B 44 -21.89 14.16 -27.82
CA LEU B 44 -22.90 15.13 -28.27
C LEU B 44 -24.19 14.45 -28.73
N MET B 45 -24.06 13.31 -29.40
CA MET B 45 -25.22 12.49 -29.83
C MET B 45 -26.03 11.96 -28.64
N ASP B 46 -25.33 11.42 -27.64
CA ASP B 46 -25.97 10.86 -26.43
C ASP B 46 -26.45 11.92 -25.42
N ASP B 47 -26.08 13.18 -25.62
CA ASP B 47 -26.41 14.29 -24.71
C ASP B 47 -25.82 14.07 -23.29
N ASP B 48 -24.52 13.76 -23.26
CA ASP B 48 -23.76 13.59 -22.02
C ASP B 48 -22.62 14.61 -21.96
N VAL B 49 -22.91 15.86 -22.32
CA VAL B 49 -21.95 16.95 -22.21
C VAL B 49 -21.80 17.32 -20.73
N GLU B 50 -22.94 17.56 -20.08
CA GLU B 50 -22.97 17.89 -18.64
C GLU B 50 -22.46 16.74 -17.77
N CYS B 51 -22.78 15.50 -18.16
CA CYS B 51 -22.29 14.30 -17.45
C CYS B 51 -20.76 14.20 -17.47
N THR B 52 -20.15 14.50 -18.61
CA THR B 52 -18.69 14.46 -18.75
C THR B 52 -18.00 15.55 -17.93
N MET B 53 -18.60 16.74 -17.89
CA MET B 53 -18.07 17.86 -17.10
C MET B 53 -18.23 17.65 -15.59
N VAL B 54 -19.36 17.04 -15.19
CA VAL B 54 -19.58 16.64 -13.79
C VAL B 54 -18.56 15.58 -13.34
N GLU B 55 -18.21 14.68 -14.26
CA GLU B 55 -17.18 13.66 -13.99
C GLU B 55 -15.82 14.31 -13.71
N LYS B 56 -15.44 15.26 -14.55
CA LYS B 56 -14.19 16.01 -14.40
C LYS B 56 -14.17 16.80 -13.08
N ARG B 57 -15.26 17.50 -12.79
CA ARG B 57 -15.38 18.31 -11.56
C ARG B 57 -15.36 17.45 -10.28
N VAL B 58 -16.00 16.29 -10.31
CA VAL B 58 -15.98 15.38 -9.16
C VAL B 58 -14.61 14.70 -9.00
N LEU B 59 -14.04 14.23 -10.11
CA LEU B 59 -12.70 13.63 -10.09
C LEU B 59 -11.58 14.60 -9.63
N SER B 60 -11.78 15.90 -9.82
CA SER B 60 -10.89 16.93 -9.28
C SER B 60 -10.92 16.96 -7.74
N LEU B 61 -12.13 16.91 -7.17
CA LEU B 61 -12.31 16.84 -5.72
C LEU B 61 -11.88 15.50 -5.10
N ALA B 62 -12.00 14.42 -5.88
CA ALA B 62 -11.79 13.04 -5.39
C ALA B 62 -10.34 12.55 -5.33
N TRP B 63 -9.36 13.40 -5.63
CA TRP B 63 -7.94 13.00 -5.59
C TRP B 63 -7.44 12.64 -4.18
N GLU B 64 -8.03 13.26 -3.15
CA GLU B 64 -7.61 13.07 -1.76
C GLU B 64 -8.02 11.72 -1.18
N HIS B 65 -9.23 11.25 -1.50
CA HIS B 65 -9.84 10.11 -0.82
C HIS B 65 -9.24 8.77 -1.31
N PRO B 66 -8.95 7.84 -0.37
CA PRO B 66 -8.33 6.56 -0.76
C PRO B 66 -9.23 5.57 -1.52
N PHE B 67 -10.54 5.61 -1.28
CA PHE B 67 -11.49 4.68 -1.93
C PHE B 67 -12.33 5.31 -3.05
N LEU B 68 -11.78 6.34 -3.69
CA LEU B 68 -12.31 6.88 -4.94
C LEU B 68 -11.20 6.78 -5.98
N THR B 69 -11.60 6.58 -7.24
CA THR B 69 -10.63 6.46 -8.35
C THR B 69 -9.91 7.79 -8.56
N HIS B 70 -8.58 7.75 -8.54
CA HIS B 70 -7.76 8.95 -8.67
C HIS B 70 -7.57 9.32 -10.14
N MET B 71 -7.93 10.55 -10.50
CA MET B 71 -7.67 11.12 -11.82
C MET B 71 -6.43 12.01 -11.71
N PHE B 72 -5.42 11.71 -12.52
CA PHE B 72 -4.18 12.50 -12.54
C PHE B 72 -4.32 13.78 -13.36
N CYS B 73 -4.89 13.67 -14.56
CA CYS B 73 -5.14 14.83 -15.43
C CYS B 73 -6.17 14.55 -16.52
N THR B 74 -6.78 15.63 -17.03
CA THR B 74 -7.70 15.55 -18.16
C THR B 74 -7.25 16.50 -19.26
N PHE B 75 -7.50 16.12 -20.51
CA PHE B 75 -7.23 16.97 -21.67
C PHE B 75 -8.02 16.49 -22.89
N GLN B 76 -8.07 17.36 -23.92
CA GLN B 76 -8.85 17.11 -25.14
C GLN B 76 -8.09 17.44 -26.40
N THR B 77 -8.38 16.69 -27.46
CA THR B 77 -7.94 16.98 -28.82
C THR B 77 -9.13 17.57 -29.58
N LYS B 78 -9.02 17.70 -30.91
CA LYS B 78 -10.13 18.16 -31.74
C LYS B 78 -11.37 17.23 -31.71
N GLU B 79 -11.13 15.92 -31.57
CA GLU B 79 -12.20 14.90 -31.62
C GLU B 79 -12.38 14.04 -30.35
N ASN B 80 -11.39 14.00 -29.46
CA ASN B 80 -11.42 13.12 -28.28
C ASN B 80 -11.35 13.85 -26.94
N LEU B 81 -11.89 13.21 -25.90
CA LEU B 81 -11.78 13.65 -24.51
C LEU B 81 -11.09 12.55 -23.71
N PHE B 82 -10.07 12.90 -22.94
CA PHE B 82 -9.26 11.92 -22.19
C PHE B 82 -9.28 12.16 -20.68
N PHE B 83 -9.44 11.07 -19.91
CA PHE B 83 -9.26 11.08 -18.47
C PHE B 83 -8.08 10.17 -18.14
N VAL B 84 -6.98 10.73 -17.65
CA VAL B 84 -5.81 9.96 -17.22
C VAL B 84 -6.04 9.51 -15.78
N MET B 85 -6.28 8.20 -15.60
CA MET B 85 -6.64 7.60 -14.32
C MET B 85 -5.53 6.69 -13.82
N GLU B 86 -5.50 6.45 -12.51
CA GLU B 86 -4.65 5.39 -11.94
C GLU B 86 -5.13 4.02 -12.44
N TYR B 87 -4.18 3.15 -12.79
CA TYR B 87 -4.50 1.83 -13.32
C TYR B 87 -4.85 0.87 -12.18
N LEU B 88 -6.08 0.37 -12.18
CA LEU B 88 -6.61 -0.50 -11.11
C LEU B 88 -6.97 -1.90 -11.65
N ASN B 89 -6.04 -2.85 -11.53
CA ASN B 89 -6.15 -4.18 -12.16
C ASN B 89 -6.82 -5.29 -11.34
N GLY B 90 -7.34 -4.95 -10.16
CA GLY B 90 -7.97 -5.94 -9.27
C GLY B 90 -9.27 -6.56 -9.78
N GLY B 91 -9.96 -5.83 -10.67
CA GLY B 91 -11.25 -6.27 -11.22
C GLY B 91 -12.41 -5.58 -10.55
N ASP B 92 -13.53 -5.45 -11.26
CA ASP B 92 -14.77 -4.90 -10.70
C ASP B 92 -15.50 -5.94 -9.85
N LEU B 93 -16.39 -5.48 -8.96
CA LEU B 93 -17.08 -6.38 -8.03
C LEU B 93 -18.15 -7.27 -8.69
N MET B 94 -18.66 -6.88 -9.85
CA MET B 94 -19.58 -7.73 -10.62
C MET B 94 -18.86 -9.00 -11.09
N TYR B 95 -17.60 -8.87 -11.50
CA TYR B 95 -16.76 -10.02 -11.88
C TYR B 95 -16.54 -10.97 -10.70
N HIS B 96 -16.21 -10.42 -9.53
CA HIS B 96 -15.93 -11.22 -8.33
C HIS B 96 -17.17 -11.88 -7.72
N ILE B 97 -18.32 -11.20 -7.79
CA ILE B 97 -19.62 -11.81 -7.44
C ILE B 97 -19.97 -12.98 -8.37
N GLN B 98 -19.73 -12.80 -9.67
CA GLN B 98 -19.95 -13.86 -10.65
C GLN B 98 -18.99 -15.06 -10.48
N SER B 99 -17.80 -14.80 -9.95
CA SER B 99 -16.81 -15.85 -9.71
C SER B 99 -17.20 -16.80 -8.57
N CYS B 100 -17.58 -16.24 -7.43
CA CYS B 100 -17.86 -17.02 -6.21
C CYS B 100 -19.32 -16.96 -5.72
N HIS B 101 -20.24 -16.49 -6.56
CA HIS B 101 -21.69 -16.40 -6.27
C HIS B 101 -22.06 -15.34 -5.21
N LYS B 102 -21.53 -15.49 -4.00
CA LYS B 102 -21.68 -14.48 -2.93
C LYS B 102 -20.37 -14.30 -2.17
N PHE B 103 -20.20 -13.11 -1.58
CA PHE B 103 -19.09 -12.84 -0.67
C PHE B 103 -19.50 -13.24 0.73
N ASP B 104 -18.56 -13.83 1.49
CA ASP B 104 -18.80 -14.13 2.90
C ASP B 104 -18.96 -12.87 3.74
N LEU B 105 -19.40 -13.03 4.98
CA LEU B 105 -19.77 -11.90 5.83
C LEU B 105 -18.62 -10.92 6.08
N SER B 106 -17.42 -11.45 6.29
CA SER B 106 -16.22 -10.61 6.51
C SER B 106 -15.86 -9.78 5.27
N ARG B 107 -15.85 -10.43 4.11
CA ARG B 107 -15.56 -9.76 2.84
C ARG B 107 -16.62 -8.71 2.52
N ALA B 108 -17.89 -9.08 2.72
CA ALA B 108 -19.01 -8.16 2.51
C ALA B 108 -18.99 -6.96 3.46
N THR B 109 -18.64 -7.20 4.72
CA THR B 109 -18.51 -6.14 5.73
C THR B 109 -17.40 -5.14 5.39
N PHE B 110 -16.25 -5.67 4.93
CA PHE B 110 -15.09 -4.85 4.56
C PHE B 110 -15.42 -3.92 3.39
N TYR B 111 -15.96 -4.50 2.33
CA TYR B 111 -16.38 -3.72 1.15
C TYR B 111 -17.48 -2.71 1.48
N ALA B 112 -18.44 -3.11 2.31
CA ALA B 112 -19.51 -2.20 2.78
C ALA B 112 -18.97 -1.03 3.60
N ALA B 113 -17.96 -1.29 4.42
CA ALA B 113 -17.32 -0.26 5.25
C ALA B 113 -16.57 0.79 4.41
N GLU B 114 -15.77 0.33 3.47
CA GLU B 114 -15.01 1.23 2.58
C GLU B 114 -15.93 2.05 1.65
N ILE B 115 -17.05 1.46 1.22
CA ILE B 115 -18.05 2.18 0.42
C ILE B 115 -18.76 3.27 1.23
N ILE B 116 -19.03 3.00 2.52
CA ILE B 116 -19.59 4.01 3.43
C ILE B 116 -18.67 5.23 3.55
N LEU B 117 -17.37 4.99 3.68
CA LEU B 117 -16.38 6.07 3.77
C LEU B 117 -16.35 6.92 2.49
N GLY B 118 -16.32 6.26 1.34
CA GLY B 118 -16.33 6.93 0.04
C GLY B 118 -17.60 7.74 -0.23
N LEU B 119 -18.75 7.14 0.09
CA LEU B 119 -20.04 7.82 -0.05
C LEU B 119 -20.18 9.04 0.86
N GLN B 120 -19.79 8.88 2.13
CA GLN B 120 -19.88 9.98 3.11
C GLN B 120 -18.93 11.14 2.84
N PHE B 121 -17.80 10.87 2.18
CA PHE B 121 -16.91 11.92 1.69
C PHE B 121 -17.61 12.75 0.61
N LEU B 122 -18.18 12.07 -0.38
CA LEU B 122 -18.92 12.74 -1.46
C LEU B 122 -20.09 13.56 -0.92
N HIS B 123 -20.85 12.97 0.01
CA HIS B 123 -22.01 13.64 0.62
C HIS B 123 -21.63 14.92 1.39
N SER B 124 -20.49 14.88 2.09
CA SER B 124 -19.98 16.06 2.80
C SER B 124 -19.47 17.16 1.85
N LYS B 125 -19.01 16.75 0.66
CA LYS B 125 -18.59 17.67 -0.41
C LYS B 125 -19.75 18.16 -1.30
N GLY B 126 -20.99 17.74 -1.00
CA GLY B 126 -22.17 18.16 -1.75
C GLY B 126 -22.41 17.39 -3.04
N ILE B 127 -21.93 16.14 -3.07
CA ILE B 127 -22.05 15.28 -4.24
C ILE B 127 -22.89 14.06 -3.89
N VAL B 128 -24.06 13.94 -4.51
CA VAL B 128 -24.87 12.73 -4.47
C VAL B 128 -24.49 11.90 -5.68
N TYR B 129 -24.11 10.65 -5.45
CA TYR B 129 -23.46 9.80 -6.46
C TYR B 129 -24.44 9.21 -7.50
N ARG B 130 -25.52 8.60 -7.01
CA ARG B 130 -26.69 8.17 -7.80
C ARG B 130 -26.55 6.97 -8.76
N ASP B 131 -25.36 6.41 -8.91
CA ASP B 131 -25.15 5.23 -9.79
C ASP B 131 -24.27 4.18 -9.11
N LEU B 132 -24.52 3.94 -7.83
CA LEU B 132 -23.82 2.91 -7.07
C LEU B 132 -24.29 1.52 -7.52
N LYS B 133 -23.32 0.67 -7.89
CA LYS B 133 -23.58 -0.71 -8.33
C LYS B 133 -22.28 -1.52 -8.41
N LEU B 134 -22.41 -2.84 -8.43
CA LEU B 134 -21.25 -3.76 -8.42
C LEU B 134 -20.17 -3.42 -9.47
N ASP B 135 -20.59 -3.21 -10.72
CA ASP B 135 -19.64 -2.93 -11.82
C ASP B 135 -19.01 -1.52 -11.80
N ASN B 136 -19.51 -0.63 -10.93
CA ASN B 136 -18.88 0.67 -10.69
C ASN B 136 -17.94 0.69 -9.46
N ILE B 137 -17.76 -0.46 -8.81
CA ILE B 137 -16.78 -0.62 -7.72
C ILE B 137 -15.60 -1.44 -8.23
N LEU B 138 -14.45 -0.79 -8.38
CA LEU B 138 -13.20 -1.46 -8.79
C LEU B 138 -12.35 -1.77 -7.56
N LEU B 139 -11.63 -2.87 -7.62
CA LEU B 139 -10.63 -3.21 -6.60
C LEU B 139 -9.24 -2.83 -7.11
N ASP B 140 -8.38 -2.35 -6.21
CA ASP B 140 -6.96 -2.18 -6.53
C ASP B 140 -6.24 -3.53 -6.37
N LYS B 141 -4.94 -3.57 -6.66
CA LYS B 141 -4.16 -4.81 -6.60
C LYS B 141 -4.07 -5.43 -5.19
N ASP B 142 -4.19 -4.60 -4.16
CA ASP B 142 -4.20 -5.06 -2.76
C ASP B 142 -5.54 -5.68 -2.32
N GLY B 143 -6.64 -5.23 -2.92
CA GLY B 143 -7.99 -5.68 -2.57
C GLY B 143 -8.93 -4.60 -2.05
N HIS B 144 -8.43 -3.37 -1.90
CA HIS B 144 -9.25 -2.23 -1.44
C HIS B 144 -10.18 -1.78 -2.54
N ILE B 145 -11.37 -1.29 -2.16
CA ILE B 145 -12.37 -0.85 -3.14
C ILE B 145 -12.06 0.56 -3.65
N LYS B 146 -12.53 0.84 -4.86
CA LYS B 146 -12.39 2.15 -5.49
C LYS B 146 -13.69 2.46 -6.24
N ILE B 147 -14.42 3.46 -5.76
CA ILE B 147 -15.65 3.90 -6.43
C ILE B 147 -15.27 4.65 -7.70
N ALA B 148 -15.87 4.24 -8.83
CA ALA B 148 -15.56 4.80 -10.15
C ALA B 148 -16.80 5.38 -10.83
N ASP B 149 -16.59 6.07 -11.94
CA ASP B 149 -17.65 6.57 -12.83
C ASP B 149 -18.61 7.55 -12.14
N PHE B 150 -18.16 8.80 -12.04
CA PHE B 150 -18.88 9.87 -11.35
C PHE B 150 -19.70 10.76 -12.31
N GLY B 151 -19.96 10.28 -13.53
CA GLY B 151 -20.69 11.03 -14.54
C GLY B 151 -22.16 11.31 -14.22
N MET B 152 -22.76 10.50 -13.36
CA MET B 152 -24.17 10.64 -12.99
C MET B 152 -24.37 11.39 -11.66
N CYS B 153 -23.32 12.05 -11.16
CA CYS B 153 -23.40 12.80 -9.90
C CYS B 153 -24.23 14.08 -10.04
N LYS B 154 -24.67 14.60 -8.90
CA LYS B 154 -25.30 15.92 -8.81
C LYS B 154 -24.53 16.75 -7.78
N GLU B 155 -24.04 17.91 -8.20
CA GLU B 155 -23.27 18.81 -7.34
C GLU B 155 -24.16 19.80 -6.59
N ASN B 156 -23.56 20.52 -5.63
CA ASN B 156 -24.24 21.54 -4.82
C ASN B 156 -25.41 20.98 -4.00
N MET B 157 -25.16 19.83 -3.37
CA MET B 157 -26.15 19.13 -2.56
C MET B 157 -25.72 19.17 -1.08
N LEU B 158 -25.61 20.38 -0.56
CA LEU B 158 -25.26 20.62 0.85
C LEU B 158 -26.48 21.10 1.63
N GLY B 159 -26.71 20.51 2.81
CA GLY B 159 -27.81 20.91 3.69
C GLY B 159 -29.16 20.39 3.22
N ASP B 160 -30.09 21.32 2.96
CA ASP B 160 -31.45 20.98 2.51
C ASP B 160 -31.66 21.10 1.00
N ALA B 161 -30.57 21.01 0.22
CA ALA B 161 -30.64 21.06 -1.24
C ALA B 161 -31.17 19.72 -1.78
N LYS B 162 -31.93 19.79 -2.87
CA LYS B 162 -32.52 18.60 -3.50
C LYS B 162 -32.49 18.68 -5.04
N THR B 163 -32.72 17.54 -5.67
CA THR B 163 -32.80 17.42 -7.14
C THR B 163 -33.88 16.40 -7.51
N ASN B 164 -34.32 16.40 -8.77
CA ASN B 164 -35.49 15.61 -9.19
C ASN B 164 -35.38 14.79 -10.49
N GLU B 165 -34.20 14.75 -11.12
CA GLU B 165 -34.06 14.01 -12.40
C GLU B 165 -33.98 12.50 -12.20
N PHE B 166 -34.63 11.77 -13.10
CA PHE B 166 -34.71 10.32 -13.06
C PHE B 166 -33.43 9.72 -13.63
N CYS B 167 -32.71 8.94 -12.81
CA CYS B 167 -31.43 8.36 -13.21
C CYS B 167 -30.97 7.24 -12.28
N GLY B 168 -30.03 6.43 -12.77
CA GLY B 168 -29.46 5.29 -12.05
C GLY B 168 -29.71 4.00 -12.79
N THR B 169 -29.06 2.93 -12.33
CA THR B 169 -29.23 1.59 -12.92
C THR B 169 -30.46 0.92 -12.29
N PRO B 170 -31.42 0.42 -13.12
CA PRO B 170 -32.75 -0.06 -12.69
C PRO B 170 -32.82 -0.85 -11.37
N ASP B 171 -31.97 -1.87 -11.22
CA ASP B 171 -31.94 -2.70 -10.00
C ASP B 171 -31.70 -1.90 -8.71
N TYR B 172 -30.99 -0.77 -8.82
CA TYR B 172 -30.53 0.02 -7.68
C TYR B 172 -31.31 1.32 -7.40
N ILE B 173 -32.23 1.70 -8.28
CA ILE B 173 -32.93 3.00 -8.16
C ILE B 173 -33.86 3.04 -6.94
N ALA B 174 -33.84 4.17 -6.22
CA ALA B 174 -34.64 4.35 -5.02
C ALA B 174 -36.12 4.59 -5.33
N PRO B 175 -37.03 4.25 -4.38
CA PRO B 175 -38.46 4.51 -4.57
C PRO B 175 -38.81 5.97 -4.84
N GLU B 176 -38.18 6.88 -4.09
CA GLU B 176 -38.40 8.33 -4.26
C GLU B 176 -38.13 8.85 -5.69
N ILE B 177 -37.14 8.25 -6.37
CA ILE B 177 -36.87 8.55 -7.78
C ILE B 177 -37.98 7.98 -8.68
N LEU B 178 -38.39 6.74 -8.42
CA LEU B 178 -39.49 6.09 -9.14
C LEU B 178 -40.83 6.79 -8.90
N LEU B 179 -41.02 7.34 -7.70
CA LEU B 179 -42.20 8.14 -7.36
C LEU B 179 -42.14 9.61 -7.84
N GLY B 180 -41.06 10.00 -8.53
CA GLY B 180 -40.91 11.33 -9.10
C GLY B 180 -40.73 12.44 -8.09
N GLN B 181 -40.18 12.12 -6.92
CA GLN B 181 -40.02 13.06 -5.82
C GLN B 181 -38.70 13.82 -5.92
N LYS B 182 -38.67 15.01 -5.32
CA LYS B 182 -37.43 15.76 -5.12
C LYS B 182 -36.63 15.04 -4.03
N TYR B 183 -35.44 14.54 -4.40
CA TYR B 183 -34.63 13.69 -3.52
C TYR B 183 -33.27 14.32 -3.20
N ASN B 184 -32.54 13.68 -2.29
CA ASN B 184 -31.20 14.11 -1.89
C ASN B 184 -30.26 12.87 -1.76
N HIS B 185 -29.25 12.92 -0.89
CA HIS B 185 -28.30 11.81 -0.72
C HIS B 185 -28.90 10.46 -0.29
N SER B 186 -30.13 10.47 0.21
CA SER B 186 -30.87 9.23 0.57
C SER B 186 -30.90 8.15 -0.52
N VAL B 187 -30.93 8.57 -1.79
CA VAL B 187 -30.90 7.63 -2.93
C VAL B 187 -29.65 6.74 -2.98
N ASP B 188 -28.50 7.28 -2.58
CA ASP B 188 -27.26 6.50 -2.47
C ASP B 188 -27.36 5.40 -1.42
N TRP B 189 -28.02 5.70 -0.30
CA TRP B 189 -28.17 4.73 0.79
C TRP B 189 -29.16 3.62 0.49
N TRP B 190 -30.13 3.87 -0.39
CA TRP B 190 -30.97 2.79 -0.92
C TRP B 190 -30.13 1.87 -1.79
N SER B 191 -29.42 2.47 -2.76
CA SER B 191 -28.51 1.74 -3.64
C SER B 191 -27.44 0.95 -2.87
N PHE B 192 -26.97 1.53 -1.77
CA PHE B 192 -26.02 0.85 -0.88
C PHE B 192 -26.65 -0.42 -0.32
N GLY B 193 -27.90 -0.31 0.16
CA GLY B 193 -28.68 -1.47 0.61
C GLY B 193 -28.77 -2.58 -0.42
N VAL B 194 -29.02 -2.21 -1.68
CA VAL B 194 -29.12 -3.17 -2.78
C VAL B 194 -27.78 -3.83 -3.07
N LEU B 195 -26.71 -3.03 -3.15
CA LEU B 195 -25.36 -3.53 -3.37
C LEU B 195 -24.93 -4.47 -2.24
N LEU B 196 -25.17 -4.05 -1.00
CA LEU B 196 -24.90 -4.89 0.18
C LEU B 196 -25.71 -6.20 0.17
N TYR B 197 -26.97 -6.12 -0.25
CA TYR B 197 -27.84 -7.30 -0.38
C TYR B 197 -27.27 -8.31 -1.38
N GLU B 198 -26.83 -7.81 -2.53
CA GLU B 198 -26.24 -8.67 -3.58
C GLU B 198 -24.93 -9.34 -3.15
N MET B 199 -24.09 -8.64 -2.40
CA MET B 199 -22.82 -9.20 -1.90
C MET B 199 -23.05 -10.36 -0.94
N LEU B 200 -24.00 -10.20 -0.02
CA LEU B 200 -24.31 -11.20 0.99
C LEU B 200 -25.12 -12.39 0.45
N ILE B 201 -26.10 -12.10 -0.41
CA ILE B 201 -27.08 -13.10 -0.88
C ILE B 201 -26.78 -13.63 -2.30
N GLY B 202 -26.15 -12.82 -3.14
CA GLY B 202 -25.81 -13.22 -4.52
C GLY B 202 -26.92 -13.11 -5.55
N GLN B 203 -28.00 -12.42 -5.18
CA GLN B 203 -29.06 -12.04 -6.12
C GLN B 203 -29.58 -10.67 -5.76
N SER B 204 -30.31 -10.06 -6.69
CA SER B 204 -30.89 -8.75 -6.46
C SER B 204 -32.11 -8.86 -5.53
N PRO B 205 -32.33 -7.86 -4.67
CA PRO B 205 -33.50 -7.89 -3.78
C PRO B 205 -34.85 -7.68 -4.47
N PHE B 206 -34.87 -6.96 -5.59
CA PHE B 206 -36.11 -6.69 -6.35
C PHE B 206 -36.02 -7.26 -7.77
N HIS B 207 -37.11 -7.86 -8.24
CA HIS B 207 -37.13 -8.62 -9.50
C HIS B 207 -38.30 -8.22 -10.39
N GLY B 208 -38.15 -8.53 -11.68
CA GLY B 208 -39.20 -8.33 -12.67
C GLY B 208 -38.77 -8.81 -14.05
N GLN B 209 -39.72 -9.24 -14.86
CA GLN B 209 -39.43 -9.63 -16.24
C GLN B 209 -39.20 -8.42 -17.16
N ASP B 210 -39.72 -7.26 -16.77
CA ASP B 210 -39.39 -5.98 -17.41
C ASP B 210 -39.28 -4.86 -16.36
N GLU B 211 -38.88 -3.67 -16.81
CA GLU B 211 -38.77 -2.49 -15.95
C GLU B 211 -40.03 -2.20 -15.12
N GLU B 212 -41.19 -2.25 -15.76
CA GLU B 212 -42.48 -1.98 -15.11
C GLU B 212 -42.68 -2.83 -13.86
N GLU B 213 -42.40 -4.14 -13.98
CA GLU B 213 -42.49 -5.08 -12.84
C GLU B 213 -41.37 -4.86 -11.82
N LEU B 214 -40.15 -4.62 -12.31
CA LEU B 214 -38.99 -4.35 -11.46
C LEU B 214 -39.21 -3.11 -10.60
N PHE B 215 -39.71 -2.03 -11.20
CA PHE B 215 -40.01 -0.80 -10.45
C PHE B 215 -41.17 -0.98 -9.45
N HIS B 216 -42.15 -1.81 -9.81
CA HIS B 216 -43.22 -2.17 -8.87
C HIS B 216 -42.68 -2.92 -7.64
N SER B 217 -41.76 -3.85 -7.88
CA SER B 217 -41.08 -4.59 -6.80
C SER B 217 -40.30 -3.65 -5.88
N ILE B 218 -39.56 -2.72 -6.48
CA ILE B 218 -38.80 -1.71 -5.74
C ILE B 218 -39.72 -0.83 -4.88
N ARG B 219 -40.88 -0.47 -5.42
CA ARG B 219 -41.85 0.34 -4.68
C ARG B 219 -42.63 -0.43 -3.59
N MET B 220 -42.91 -1.72 -3.81
CA MET B 220 -43.93 -2.45 -3.02
C MET B 220 -43.46 -3.70 -2.26
N ASP B 221 -42.69 -4.57 -2.92
CA ASP B 221 -42.27 -5.85 -2.31
C ASP B 221 -41.20 -5.63 -1.25
N ASN B 222 -41.37 -6.26 -0.07
CA ASN B 222 -40.28 -6.34 0.92
C ASN B 222 -39.31 -7.47 0.52
N PRO B 223 -37.98 -7.22 0.61
CA PRO B 223 -37.02 -8.25 0.21
C PRO B 223 -37.06 -9.52 1.05
N PHE B 224 -36.72 -10.64 0.42
CA PHE B 224 -36.56 -11.93 1.10
C PHE B 224 -35.20 -11.98 1.81
N TYR B 225 -35.18 -12.47 3.04
CA TYR B 225 -33.94 -12.72 3.78
C TYR B 225 -33.90 -14.22 4.13
N PRO B 226 -32.87 -14.96 3.65
CA PRO B 226 -32.79 -16.38 4.02
C PRO B 226 -32.52 -16.59 5.52
N ARG B 227 -32.90 -17.78 6.02
CA ARG B 227 -32.68 -18.14 7.42
C ARG B 227 -31.20 -18.10 7.83
N TRP B 228 -30.32 -18.53 6.93
CA TRP B 228 -28.86 -18.55 7.19
C TRP B 228 -28.19 -17.18 7.29
N LEU B 229 -28.86 -16.12 6.84
CA LEU B 229 -28.31 -14.76 6.91
C LEU B 229 -28.14 -14.32 8.36
N GLU B 230 -27.00 -13.70 8.66
CA GLU B 230 -26.70 -13.22 10.02
C GLU B 230 -27.64 -12.09 10.42
N LYS B 231 -28.12 -12.13 11.66
CA LYS B 231 -29.14 -11.21 12.15
C LYS B 231 -28.74 -9.73 12.07
N GLU B 232 -27.45 -9.44 12.26
CA GLU B 232 -26.91 -8.08 12.15
C GLU B 232 -26.91 -7.59 10.70
N ALA B 233 -26.59 -8.49 9.76
CA ALA B 233 -26.65 -8.17 8.31
C ALA B 233 -28.09 -7.91 7.86
N LYS B 234 -29.01 -8.75 8.32
CA LYS B 234 -30.44 -8.55 8.08
C LYS B 234 -30.93 -7.21 8.64
N ASP B 235 -30.54 -6.92 9.89
CA ASP B 235 -30.97 -5.70 10.59
C ASP B 235 -30.58 -4.43 9.82
N LEU B 236 -29.33 -4.36 9.36
CA LEU B 236 -28.84 -3.22 8.59
C LEU B 236 -29.60 -3.04 7.26
N LEU B 237 -29.84 -4.15 6.57
CA LEU B 237 -30.60 -4.14 5.30
C LEU B 237 -32.05 -3.71 5.51
N VAL B 238 -32.68 -4.16 6.59
CA VAL B 238 -34.04 -3.74 6.91
C VAL B 238 -34.11 -2.22 7.17
N LYS B 239 -33.15 -1.72 7.96
CA LYS B 239 -33.04 -0.28 8.20
C LYS B 239 -32.67 0.54 6.95
N LEU B 240 -31.93 -0.08 6.03
CA LEU B 240 -31.57 0.57 4.75
C LEU B 240 -32.70 0.59 3.73
N PHE B 241 -33.56 -0.43 3.73
CA PHE B 241 -34.68 -0.51 2.77
C PHE B 241 -35.99 0.16 3.25
N VAL B 242 -35.87 1.22 4.06
CA VAL B 242 -37.03 2.04 4.43
C VAL B 242 -37.34 3.00 3.28
N ARG B 243 -38.61 3.01 2.85
CA ARG B 243 -39.02 3.72 1.64
C ARG B 243 -39.27 5.23 1.83
N GLU B 244 -39.46 5.67 3.07
CA GLU B 244 -39.51 7.10 3.40
C GLU B 244 -38.09 7.59 3.74
N PRO B 245 -37.46 8.44 2.88
CA PRO B 245 -36.05 8.83 3.01
C PRO B 245 -35.58 9.32 4.38
N GLU B 246 -36.40 10.12 5.06
CA GLU B 246 -36.04 10.70 6.37
C GLU B 246 -35.81 9.65 7.46
N LYS B 247 -36.55 8.54 7.40
CA LYS B 247 -36.40 7.41 8.34
C LYS B 247 -35.28 6.41 7.96
N ARG B 248 -34.67 6.59 6.79
CA ARG B 248 -33.64 5.67 6.28
C ARG B 248 -32.32 5.86 7.03
N LEU B 249 -31.64 4.75 7.32
CA LEU B 249 -30.31 4.78 7.93
C LEU B 249 -29.30 5.28 6.89
N GLY B 250 -28.38 6.14 7.32
CA GLY B 250 -27.50 6.90 6.41
C GLY B 250 -27.92 8.35 6.35
N VAL B 251 -29.23 8.58 6.25
CA VAL B 251 -29.84 9.92 6.42
C VAL B 251 -30.06 10.15 7.92
N ARG B 252 -30.79 9.23 8.55
CA ARG B 252 -31.02 9.23 10.01
C ARG B 252 -29.95 8.37 10.69
N GLY B 253 -29.69 8.68 11.96
CA GLY B 253 -28.75 7.92 12.78
C GLY B 253 -27.31 7.99 12.31
N ASP B 254 -26.48 7.10 12.82
CA ASP B 254 -25.08 6.96 12.39
C ASP B 254 -24.86 5.53 11.92
N ILE B 255 -24.68 5.38 10.61
CA ILE B 255 -24.52 4.06 9.96
C ILE B 255 -23.24 3.35 10.41
N ARG B 256 -22.21 4.12 10.78
CA ARG B 256 -20.94 3.55 11.26
C ARG B 256 -21.04 2.86 12.63
N GLN B 257 -22.04 3.24 13.43
CA GLN B 257 -22.27 2.65 14.76
C GLN B 257 -23.12 1.36 14.76
N HIS B 258 -23.50 0.86 13.58
CA HIS B 258 -24.32 -0.35 13.48
C HIS B 258 -23.51 -1.60 13.89
N PRO B 259 -24.12 -2.56 14.61
CA PRO B 259 -23.43 -3.80 15.04
C PRO B 259 -22.72 -4.65 13.97
N LEU B 260 -23.10 -4.51 12.70
CA LEU B 260 -22.41 -5.19 11.60
C LEU B 260 -20.94 -4.76 11.52
N PHE B 261 -20.69 -3.47 11.77
CA PHE B 261 -19.33 -2.89 11.76
C PHE B 261 -18.76 -2.77 13.18
N ARG B 262 -18.92 -3.84 13.95
CA ARG B 262 -18.54 -3.88 15.37
C ARG B 262 -17.02 -3.91 15.53
N GLU B 263 -16.36 -4.81 14.80
CA GLU B 263 -14.90 -4.97 14.86
C GLU B 263 -14.12 -3.94 14.02
N ILE B 264 -14.80 -3.18 13.17
CA ILE B 264 -14.14 -2.22 12.27
C ILE B 264 -13.74 -0.93 12.99
N ASN B 265 -12.41 -0.72 13.08
CA ASN B 265 -11.84 0.55 13.52
C ASN B 265 -11.83 1.49 12.31
N TRP B 266 -12.67 2.53 12.35
CA TRP B 266 -12.94 3.37 11.18
C TRP B 266 -11.77 4.23 10.73
N GLU B 267 -10.97 4.71 11.67
CA GLU B 267 -9.77 5.50 11.36
C GLU B 267 -8.69 4.64 10.72
N GLU B 268 -8.44 3.46 11.29
CA GLU B 268 -7.47 2.51 10.73
C GLU B 268 -7.87 2.02 9.34
N LEU B 269 -9.17 1.85 9.12
CA LEU B 269 -9.71 1.52 7.80
C LEU B 269 -9.43 2.63 6.79
N GLU B 270 -9.74 3.86 7.17
CA GLU B 270 -9.56 5.04 6.30
C GLU B 270 -8.09 5.33 5.96
N ARG B 271 -7.18 5.01 6.88
CA ARG B 271 -5.73 5.12 6.64
C ARG B 271 -5.13 3.93 5.87
N LYS B 272 -5.94 2.91 5.56
CA LYS B 272 -5.52 1.67 4.89
C LYS B 272 -4.50 0.87 5.73
N GLU B 273 -4.83 0.70 7.01
CA GLU B 273 -4.03 -0.11 7.95
C GLU B 273 -4.58 -1.53 8.07
N ILE B 274 -5.91 -1.69 7.98
CA ILE B 274 -6.54 -3.01 7.93
C ILE B 274 -6.39 -3.57 6.52
N ASP B 275 -5.68 -4.70 6.40
CA ASP B 275 -5.49 -5.36 5.10
C ASP B 275 -6.79 -6.01 4.61
N PRO B 276 -7.04 -6.02 3.28
CA PRO B 276 -8.24 -6.68 2.77
C PRO B 276 -8.24 -8.19 3.01
N PRO B 277 -9.42 -8.77 3.36
CA PRO B 277 -9.50 -10.22 3.58
C PRO B 277 -9.41 -11.07 2.30
N PHE B 278 -9.54 -10.44 1.12
CA PHE B 278 -9.41 -11.10 -0.17
C PHE B 278 -8.45 -10.31 -1.06
N ARG B 279 -7.33 -10.96 -1.43
CA ARG B 279 -6.44 -10.44 -2.46
C ARG B 279 -6.82 -11.12 -3.78
N PRO B 280 -6.97 -10.35 -4.89
CA PRO B 280 -7.30 -10.97 -6.18
C PRO B 280 -6.25 -11.98 -6.65
N LYS B 281 -6.71 -13.14 -7.13
CA LYS B 281 -5.81 -14.17 -7.66
C LYS B 281 -5.48 -13.86 -9.11
N VAL B 282 -6.52 -13.72 -9.93
CA VAL B 282 -6.38 -13.36 -11.34
C VAL B 282 -6.05 -11.86 -11.42
N LYS B 283 -5.07 -11.51 -12.24
CA LYS B 283 -4.58 -10.14 -12.36
C LYS B 283 -5.09 -9.55 -13.66
N SER B 284 -5.72 -8.37 -13.56
CA SER B 284 -6.42 -7.72 -14.69
C SER B 284 -7.46 -8.63 -15.35
N PRO B 285 -8.58 -8.90 -14.66
CA PRO B 285 -9.69 -9.66 -15.26
C PRO B 285 -10.51 -8.77 -16.22
N PHE B 286 -9.89 -8.41 -17.33
CA PHE B 286 -10.46 -7.54 -18.35
C PHE B 286 -10.02 -8.03 -19.73
N ASP B 287 -10.84 -7.79 -20.74
CA ASP B 287 -10.57 -8.25 -22.12
C ASP B 287 -9.47 -7.39 -22.73
N CYS B 288 -8.39 -8.04 -23.19
CA CYS B 288 -7.20 -7.34 -23.69
C CYS B 288 -7.05 -7.50 -25.21
N SER B 289 -6.60 -6.43 -25.87
CA SER B 289 -6.46 -6.37 -27.34
C SER B 289 -5.13 -5.72 -27.75
N ASN B 290 -4.89 -5.60 -29.06
CA ASN B 290 -3.66 -5.00 -29.59
C ASN B 290 -3.60 -3.47 -29.37
N PHE B 291 -3.97 -2.64 -30.36
CA PHE B 291 -3.99 -1.17 -30.16
C PHE B 291 -4.81 -0.43 -31.22
N ASP B 292 -4.43 -0.59 -32.49
CA ASP B 292 -5.04 0.08 -33.66
C ASP B 292 -5.45 1.57 -33.42
N LYS B 293 -6.64 2.01 -33.85
CA LYS B 293 -7.14 3.36 -33.58
C LYS B 293 -8.64 3.34 -33.33
N ASN B 316 -18.32 24.80 -29.16
CA ASN B 316 -17.33 24.34 -28.19
C ASN B 316 -17.97 24.04 -26.82
N MET B 317 -18.72 22.94 -26.77
CA MET B 317 -19.45 22.54 -25.56
C MET B 317 -18.55 21.93 -24.46
N PHE B 318 -17.31 21.55 -24.80
CA PHE B 318 -16.37 20.97 -23.85
C PHE B 318 -15.26 21.95 -23.44
N ARG B 319 -15.65 23.18 -23.09
CA ARG B 319 -14.71 24.19 -22.58
C ARG B 319 -14.45 23.96 -21.09
N ASN B 320 -13.24 24.34 -20.66
CA ASN B 320 -12.76 24.13 -19.29
C ASN B 320 -12.73 22.66 -18.84
N PHE B 321 -12.49 21.76 -19.79
CA PHE B 321 -12.37 20.32 -19.54
C PHE B 321 -10.97 19.97 -19.03
N PHE B 323 -7.61 19.85 -16.95
CA PHE B 323 -7.32 19.94 -15.53
C PHE B 323 -6.13 19.03 -15.22
N MET B 324 -5.34 19.42 -14.22
CA MET B 324 -4.25 18.59 -13.73
C MET B 324 -4.14 18.67 -12.21
N ASN B 325 -4.19 17.51 -11.56
CA ASN B 325 -4.08 17.41 -10.09
C ASN B 325 -2.63 17.64 -9.68
N PRO B 326 -2.38 18.24 -8.48
CA PRO B 326 -0.99 18.44 -8.03
C PRO B 326 -0.14 17.17 -7.84
N GLY B 327 -0.79 16.00 -7.75
CA GLY B 327 -0.09 14.71 -7.77
C GLY B 327 0.65 14.45 -9.08
N MET B 328 -0.01 14.75 -10.19
CA MET B 328 0.59 14.63 -11.54
C MET B 328 1.72 15.65 -11.76
N GLU B 329 1.60 16.83 -11.15
CA GLU B 329 2.63 17.88 -11.24
C GLU B 329 3.98 17.47 -10.64
N ARG B 330 3.97 16.55 -9.67
CA ARG B 330 5.19 15.94 -9.14
C ARG B 330 5.90 15.11 -10.21
N LEU B 331 5.15 14.21 -10.86
CA LEU B 331 5.67 13.40 -11.96
C LEU B 331 5.65 14.18 -13.28
#